data_9G2M
#
_entry.id   9G2M
#
_cell.length_a   1.00
_cell.length_b   1.00
_cell.length_c   1.00
_cell.angle_alpha   90.00
_cell.angle_beta   90.00
_cell.angle_gamma   90.00
#
_symmetry.space_group_name_H-M   'P 1'
#
loop_
_entity.id
_entity.type
_entity.pdbx_description
1 polymer 'Mycobactin import ATP-binding/permease protein IrtA'
2 polymer 'Mycobactin import ATP-binding/permease protein IrtB'
3 non-polymer 'ADP ORTHOVANADATE'
4 non-polymer 'MAGNESIUM ION'
5 non-polymer 'ZINC ION'
#
loop_
_entity_poly.entity_id
_entity_poly.type
_entity_poly.pdbx_seq_one_letter_code
_entity_poly.pdbx_strand_id
1 'polypeptide(L)'
;SLRGLGARDHQATVVDKEYIAPHFVRVRLVSPTLFDEVIVEPTSWLRFWFPDPDGSDTEFQRAYTITESDPETGRFAVDM
VLHEPAGPASTWARTVEPGATIAVMSMGSRGFSVPEDPEDRPVGYLLIGDSASTPAINGIIEVVPHDIPIELYLEQHHDD
DVLIPLAEHPRLRVHRVSRDDASSLAAALELRDWSNWYCWAGPEAGALKQVRTRLRDEFGFPKREVYAQAYWTEGRAMGS
SRGETSTPAKPAAKTAPAKAAAKPAAASGAGTPEHAAAPAAATTGAPQAAPAPGAAQPRTPVRGRWRAEAGSRLLAPLKK
PLIVSGVLQALITLIELAPFVLLVELARLLLGGAEAERLWTLGLTAVSLIGLGAVLAAAMTLWLHRVDARFAHELRGRLL
TKLSRLPLGWFTRRGSASTKQLVQDDTLALHYLITHAIPDAVAAVVAPVAVLVYLFVADWRVALVLFIPVLVYLVLMSVM
TIQSGSKIAQAPRWAERMGGEAGAFLEGQPVIRIFGGAAASRFRRRLDDYIDFLVSWQRPFVGKKTLMDLVTRPATFLWI
ILVAGVPLVVTGRMDPVNLLPFLLLGTTFGARLLGIGYGLSGIQTGMLAARRIQTVLDEPELVVRDRTGQAGTDHASGDQ
ARPGTVELDRVSFEYRPGVPVIRDVTLTLRPGTVTALVGPSGSGKSTLAALVARFHDVTQGAIRVDGRDIRTLTADELYR
RVGFVLQDAQLVHGSVAENIALAEPDAGLERIRTAARDAQIHDRITRMPDGYDSVLGAGSALSGGERQRVTIARAILADT
PVLVLDEATAFADPESEYLVQQAINRLTRDRTVLVIAHRLHTITHADQIVVLDDGRIVEVGTHDELLAAGGRYRGLWDSG
RYSSPDAGRPVSADAVEVGR
;
A
2 'polypeptide(L)'
;MIRTLLRLVPAEKRGAVAGYAVLTLLSVLLRAVGAVLLIPLLAALFSDTPSDAWLWLGWLTAVTLAGWVTDTNTARLGFD
LGFAVLSRTQHDMADRLPNVAMSWFTPDNTATARQAIAATGPELAGLVVNLLTPLIGAALLPAAIGVALLFVSVPLGLAA
LAGVAVLFGALALSGRLSRAADKVAGETNSAFTERIIEFARTQQALRAARRVEPARSQVGSALAAQHGAGLRLLTMQIPG
QVLFSLAGQVALIGFAGMAVWLTVRGQLGVPEAIALIVVLVRYLEPFAAIADLAPALETTRATLNRIQAVLDAPTLPAGR
RRLDRTGAAPSIEFDDVRFSYGDEVVLDGVSFTLRPGNTTAIVGPSGSGKTTILSLIAGLQQPASGRVLLDGVDVTTLDP
EARRAAVSVVFQHPYLFDGTLRDNVLVGDPEADPDDVTAAMRLARVDELLDRLPDGDATVVGEGGTALSGGERQRVSIAR
ALLKPAPVLLVDEATSALDNANEAAVVDALTADPRPRTRVIVAHRLASIRHADRVLFVEAGRVVEDGAIDELLAAGGRFA
QFWAQQQAASEWAIGSTARALEVLFQ
;
B
#
loop_
_chem_comp.id
_chem_comp.type
_chem_comp.name
_chem_comp.formula
AOV non-polymer 'ADP ORTHOVANADATE' 'C10 H17 N5 O14 P2 V'
MG non-polymer 'MAGNESIUM ION' 'Mg 2'
ZN non-polymer 'ZINC ION' 'Zn 2'
#
# COMPACT_ATOMS: atom_id res chain seq x y z
N ALA A 310 -24.80 -9.34 9.20
CA ALA A 310 -23.34 -9.50 8.92
C ALA A 310 -22.77 -8.24 8.29
N GLY A 311 -23.10 -8.01 7.02
CA GLY A 311 -22.65 -6.83 6.30
C GLY A 311 -23.71 -5.75 6.26
N SER A 312 -24.99 -6.15 6.30
CA SER A 312 -26.07 -5.18 6.24
C SER A 312 -26.08 -4.26 7.45
N ARG A 313 -25.53 -4.71 8.59
CA ARG A 313 -25.44 -3.83 9.74
C ARG A 313 -24.53 -2.64 9.47
N LEU A 314 -23.52 -2.82 8.61
CA LEU A 314 -22.62 -1.72 8.27
C LEU A 314 -23.30 -0.73 7.33
N LEU A 315 -24.10 -1.23 6.39
CA LEU A 315 -24.70 -0.41 5.34
C LEU A 315 -26.11 0.06 5.66
N ALA A 316 -26.60 -0.19 6.87
CA ALA A 316 -27.89 0.36 7.29
C ALA A 316 -28.00 1.87 7.14
N PRO A 317 -26.99 2.70 7.44
CA PRO A 317 -27.16 4.15 7.27
C PRO A 317 -27.47 4.58 5.85
N LEU A 318 -27.14 3.76 4.85
CA LEU A 318 -27.47 4.04 3.45
C LEU A 318 -28.76 3.34 3.05
N LYS A 319 -29.72 3.24 3.96
CA LYS A 319 -31.00 2.62 3.69
C LYS A 319 -31.73 3.36 2.57
N LYS A 320 -32.12 4.60 2.83
CA LYS A 320 -32.97 5.34 1.90
C LYS A 320 -32.24 5.79 0.64
N PRO A 321 -30.97 6.20 0.69
CA PRO A 321 -30.26 6.49 -0.58
C PRO A 321 -30.23 5.33 -1.54
N LEU A 322 -30.13 4.10 -1.05
CA LEU A 322 -30.07 2.96 -1.95
C LEU A 322 -31.41 2.69 -2.62
N ILE A 323 -32.51 2.76 -1.86
CA ILE A 323 -33.82 2.56 -2.46
C ILE A 323 -34.13 3.67 -3.45
N VAL A 324 -33.78 4.91 -3.11
CA VAL A 324 -34.00 6.02 -4.02
C VAL A 324 -33.20 5.82 -5.30
N SER A 325 -31.98 5.29 -5.18
CA SER A 325 -31.18 4.97 -6.36
C SER A 325 -31.86 3.90 -7.21
N GLY A 326 -32.43 2.88 -6.58
CA GLY A 326 -33.12 1.85 -7.32
C GLY A 326 -34.31 2.37 -8.10
N VAL A 327 -35.11 3.23 -7.45
CA VAL A 327 -36.29 3.78 -8.12
C VAL A 327 -35.90 4.77 -9.20
N LEU A 328 -34.92 5.65 -8.91
CA LEU A 328 -34.53 6.65 -9.88
C LEU A 328 -33.92 6.03 -11.13
N GLN A 329 -33.06 5.03 -10.95
CA GLN A 329 -32.47 4.37 -12.11
C GLN A 329 -33.51 3.57 -12.88
N ALA A 330 -34.54 3.06 -12.22
CA ALA A 330 -35.64 2.43 -12.94
C ALA A 330 -36.36 3.45 -13.82
N LEU A 331 -36.62 4.64 -13.28
CA LEU A 331 -37.23 5.68 -14.09
C LEU A 331 -36.29 6.18 -15.17
N ILE A 332 -35.00 6.33 -14.84
CA ILE A 332 -34.06 6.90 -15.79
C ILE A 332 -33.88 5.98 -17.00
N THR A 333 -33.73 4.68 -16.74
CA THR A 333 -33.53 3.75 -17.86
C THR A 333 -34.80 3.61 -18.69
N LEU A 334 -35.98 3.76 -18.07
CA LEU A 334 -37.20 3.84 -18.85
C LEU A 334 -37.21 5.09 -19.72
N ILE A 335 -36.69 6.21 -19.19
CA ILE A 335 -36.55 7.42 -19.99
C ILE A 335 -35.56 7.18 -21.14
N GLU A 336 -34.50 6.42 -20.89
CA GLU A 336 -33.53 6.13 -21.94
C GLU A 336 -34.11 5.21 -23.01
N LEU A 337 -35.03 4.32 -22.64
CA LEU A 337 -35.69 3.47 -23.62
C LEU A 337 -36.76 4.22 -24.41
N ALA A 338 -37.29 5.32 -23.87
CA ALA A 338 -38.38 6.02 -24.54
C ALA A 338 -38.02 6.55 -25.93
N PRO A 339 -36.86 7.16 -26.17
CA PRO A 339 -36.54 7.60 -27.54
C PRO A 339 -36.59 6.50 -28.58
N PHE A 340 -36.14 5.29 -28.24
CA PHE A 340 -36.13 4.23 -29.25
C PHE A 340 -37.54 3.79 -29.60
N VAL A 341 -38.48 3.87 -28.66
CA VAL A 341 -39.87 3.63 -29.00
C VAL A 341 -40.39 4.76 -29.88
N LEU A 342 -40.01 6.00 -29.60
CA LEU A 342 -40.39 7.12 -30.45
C LEU A 342 -39.78 6.98 -31.84
N LEU A 343 -38.50 6.58 -31.91
CA LEU A 343 -37.86 6.44 -33.21
C LEU A 343 -38.46 5.28 -34.00
N VAL A 344 -38.94 4.24 -33.32
CA VAL A 344 -39.67 3.18 -34.00
C VAL A 344 -40.97 3.74 -34.60
N GLU A 345 -41.69 4.54 -33.82
CA GLU A 345 -42.91 5.15 -34.35
C GLU A 345 -42.58 6.13 -35.47
N LEU A 346 -41.44 6.82 -35.37
CA LEU A 346 -40.99 7.66 -36.47
C LEU A 346 -40.76 6.82 -37.73
N ALA A 347 -40.14 5.66 -37.59
CA ALA A 347 -39.86 4.82 -38.74
C ALA A 347 -41.15 4.32 -39.39
N ARG A 348 -42.12 3.89 -38.58
CA ARG A 348 -43.39 3.41 -39.13
C ARG A 348 -44.11 4.51 -39.90
N LEU A 349 -44.12 5.74 -39.37
CA LEU A 349 -44.74 6.83 -40.10
C LEU A 349 -43.91 7.24 -41.30
N LEU A 350 -42.58 7.10 -41.23
CA LEU A 350 -41.74 7.48 -42.35
C LEU A 350 -42.01 6.60 -43.56
N LEU A 351 -42.19 5.30 -43.35
CA LEU A 351 -42.61 4.44 -44.47
C LEU A 351 -44.02 4.78 -44.94
N GLY A 352 -44.88 5.23 -44.04
CA GLY A 352 -46.25 5.55 -44.38
C GLY A 352 -46.45 6.89 -45.06
N GLY A 353 -45.38 7.66 -45.25
CA GLY A 353 -45.51 8.97 -45.89
C GLY A 353 -46.35 9.94 -45.09
N ALA A 354 -46.15 10.00 -43.78
CA ALA A 354 -46.98 10.84 -42.93
C ALA A 354 -46.63 12.31 -43.12
N GLU A 355 -47.50 13.17 -42.57
CA GLU A 355 -47.25 14.60 -42.60
C GLU A 355 -45.99 14.92 -41.80
N ALA A 356 -45.21 15.87 -42.34
CA ALA A 356 -43.88 16.16 -41.80
C ALA A 356 -43.92 16.63 -40.35
N GLU A 357 -45.02 17.24 -39.91
CA GLU A 357 -45.12 17.71 -38.53
C GLU A 357 -45.06 16.55 -37.55
N ARG A 358 -45.74 15.45 -37.87
CA ARG A 358 -45.64 14.27 -37.02
C ARG A 358 -44.23 13.70 -37.00
N LEU A 359 -43.57 13.68 -38.16
CA LEU A 359 -42.19 13.20 -38.21
C LEU A 359 -41.26 14.08 -37.39
N TRP A 360 -41.42 15.40 -37.50
CA TRP A 360 -40.60 16.31 -36.71
C TRP A 360 -40.88 16.16 -35.22
N THR A 361 -42.15 15.98 -34.86
CA THR A 361 -42.50 15.87 -33.44
C THR A 361 -41.86 14.65 -32.80
N LEU A 362 -42.01 13.47 -33.42
CA LEU A 362 -41.39 12.26 -32.87
C LEU A 362 -39.87 12.36 -32.91
N GLY A 363 -39.32 12.87 -34.01
CA GLY A 363 -37.87 12.95 -34.12
C GLY A 363 -37.28 13.89 -33.09
N LEU A 364 -37.87 15.08 -32.93
CA LEU A 364 -37.33 16.04 -31.98
C LEU A 364 -37.57 15.59 -30.54
N THR A 365 -38.70 14.94 -30.27
CA THR A 365 -38.94 14.41 -28.94
C THR A 365 -37.93 13.31 -28.60
N ALA A 366 -37.61 12.46 -29.59
CA ALA A 366 -36.64 11.40 -29.36
C ALA A 366 -35.26 11.97 -29.02
N VAL A 367 -34.83 12.99 -29.78
CA VAL A 367 -33.53 13.61 -29.49
C VAL A 367 -33.58 14.30 -28.13
N SER A 368 -34.70 14.95 -27.80
CA SER A 368 -34.82 15.63 -26.52
C SER A 368 -34.72 14.65 -25.36
N LEU A 369 -35.39 13.49 -25.47
CA LEU A 369 -35.35 12.52 -24.39
C LEU A 369 -34.02 11.79 -24.32
N ILE A 370 -33.27 11.71 -25.42
CA ILE A 370 -31.90 11.23 -25.35
C ILE A 370 -31.06 12.17 -24.50
N GLY A 371 -31.19 13.47 -24.73
CA GLY A 371 -30.51 14.43 -23.88
C GLY A 371 -30.99 14.38 -22.44
N LEU A 372 -32.31 14.25 -22.24
CA LEU A 372 -32.84 14.18 -20.88
C LEU A 372 -32.33 12.95 -20.15
N GLY A 373 -32.32 11.80 -20.81
CA GLY A 373 -31.83 10.59 -20.17
C GLY A 373 -30.36 10.68 -19.80
N ALA A 374 -29.54 11.22 -20.71
CA ALA A 374 -28.13 11.39 -20.42
C ALA A 374 -27.90 12.39 -19.29
N VAL A 375 -28.68 13.47 -19.28
CA VAL A 375 -28.53 14.49 -18.23
C VAL A 375 -28.92 13.92 -16.87
N LEU A 376 -30.05 13.21 -16.81
CA LEU A 376 -30.46 12.63 -15.53
C LEU A 376 -29.49 11.56 -15.06
N ALA A 377 -28.98 10.75 -15.99
CA ALA A 377 -27.99 9.73 -15.62
C ALA A 377 -26.72 10.37 -15.07
N ALA A 378 -26.26 11.44 -15.70
CA ALA A 378 -25.10 12.17 -15.21
C ALA A 378 -25.39 12.81 -13.85
N ALA A 379 -26.61 13.32 -13.68
CA ALA A 379 -26.97 13.95 -12.40
C ALA A 379 -27.08 12.93 -11.28
N MET A 380 -27.55 11.72 -11.59
CA MET A 380 -27.69 10.71 -10.54
C MET A 380 -26.34 10.24 -10.04
N THR A 381 -25.44 9.89 -10.96
CA THR A 381 -24.14 9.35 -10.57
C THR A 381 -23.30 10.40 -9.86
N LEU A 382 -23.50 11.68 -10.19
CA LEU A 382 -22.86 12.76 -9.44
C LEU A 382 -23.30 12.72 -7.98
N TRP A 383 -24.61 12.68 -7.74
CA TRP A 383 -25.12 12.64 -6.38
C TRP A 383 -24.73 11.35 -5.67
N LEU A 384 -24.80 10.23 -6.39
CA LEU A 384 -24.57 8.93 -5.75
C LEU A 384 -23.09 8.74 -5.42
N HIS A 385 -22.19 9.24 -6.28
CA HIS A 385 -20.78 9.23 -5.93
C HIS A 385 -20.49 10.16 -4.76
N ARG A 386 -21.20 11.29 -4.66
CA ARG A 386 -21.07 12.14 -3.49
C ARG A 386 -21.48 11.40 -2.22
N VAL A 387 -22.58 10.65 -2.29
CA VAL A 387 -23.03 9.87 -1.13
C VAL A 387 -22.01 8.80 -0.79
N ASP A 388 -21.47 8.12 -1.81
CA ASP A 388 -20.44 7.11 -1.56
C ASP A 388 -19.19 7.72 -0.95
N ALA A 389 -18.75 8.87 -1.47
CA ALA A 389 -17.58 9.54 -0.90
C ALA A 389 -17.84 9.98 0.54
N ARG A 390 -19.04 10.50 0.81
CA ARG A 390 -19.36 10.94 2.16
C ARG A 390 -19.39 9.77 3.13
N PHE A 391 -20.02 8.66 2.74
CA PHE A 391 -20.08 7.49 3.61
C PHE A 391 -18.69 6.90 3.85
N ALA A 392 -17.85 6.86 2.80
CA ALA A 392 -16.50 6.34 2.96
C ALA A 392 -15.68 7.21 3.91
N HIS A 393 -15.84 8.53 3.81
CA HIS A 393 -15.17 9.41 4.77
C HIS A 393 -15.66 9.17 6.19
N GLU A 394 -16.98 9.03 6.36
CA GLU A 394 -17.52 8.75 7.69
C GLU A 394 -17.03 7.39 8.19
N LEU A 395 -17.05 6.38 7.32
CA LEU A 395 -16.65 5.04 7.75
C LEU A 395 -15.17 4.99 8.10
N ARG A 396 -14.33 5.68 7.34
CA ARG A 396 -12.91 5.73 7.68
C ARG A 396 -12.68 6.45 9.00
N GLY A 397 -13.46 7.50 9.27
CA GLY A 397 -13.38 8.16 10.56
C GLY A 397 -13.74 7.23 11.70
N ARG A 398 -14.80 6.43 11.52
CA ARG A 398 -15.18 5.46 12.55
C ARG A 398 -14.09 4.42 12.77
N LEU A 399 -13.47 3.94 11.68
CA LEU A 399 -12.42 2.93 11.82
C LEU A 399 -11.21 3.50 12.56
N LEU A 400 -10.83 4.74 12.27
CA LEU A 400 -9.73 5.35 13.00
C LEU A 400 -10.09 5.53 14.47
N THR A 401 -11.34 5.91 14.76
CA THR A 401 -11.76 6.07 16.14
C THR A 401 -11.76 4.73 16.87
N LYS A 402 -12.18 3.66 16.19
CA LYS A 402 -12.16 2.34 16.81
C LYS A 402 -10.74 1.86 17.05
N LEU A 403 -9.88 1.98 16.04
CA LEU A 403 -8.48 1.60 16.20
C LEU A 403 -7.76 2.43 17.24
N SER A 404 -8.26 3.62 17.56
CA SER A 404 -7.63 4.47 18.57
C SER A 404 -7.79 3.92 19.99
N ARG A 405 -8.63 2.91 20.20
CA ARG A 405 -8.92 2.41 21.54
C ARG A 405 -9.03 0.89 21.62
N LEU A 406 -8.55 0.16 20.61
CA LEU A 406 -8.49 -1.28 20.69
C LEU A 406 -7.32 -1.71 21.56
N PRO A 407 -7.33 -2.95 22.08
CA PRO A 407 -6.13 -3.45 22.76
C PRO A 407 -4.97 -3.49 21.78
N LEU A 408 -3.79 -3.12 22.28
CA LEU A 408 -2.67 -2.87 21.38
C LEU A 408 -1.98 -4.14 20.91
N GLY A 409 -2.34 -5.30 21.46
CA GLY A 409 -1.97 -6.55 20.84
C GLY A 409 -2.67 -6.78 19.51
N TRP A 410 -3.79 -6.10 19.28
CA TRP A 410 -4.47 -6.16 18.00
C TRP A 410 -3.54 -5.74 16.87
N PHE A 411 -2.86 -4.60 17.03
CA PHE A 411 -1.97 -4.11 15.98
C PHE A 411 -0.76 -5.01 15.80
N THR A 412 -0.20 -5.53 16.91
CA THR A 412 1.03 -6.31 16.81
C THR A 412 0.79 -7.61 16.06
N ARG A 413 -0.29 -8.32 16.37
CA ARG A 413 -0.57 -9.58 15.70
C ARG A 413 -1.09 -9.40 14.29
N ARG A 414 -1.69 -8.24 13.99
CA ARG A 414 -2.31 -7.98 12.70
C ARG A 414 -1.35 -7.30 11.73
N GLY A 415 -0.47 -6.43 12.22
CA GLY A 415 0.50 -5.76 11.39
C GLY A 415 -0.01 -4.43 10.87
N SER A 416 0.84 -3.79 10.07
CA SER A 416 0.53 -2.47 9.50
C SER A 416 -0.02 -2.54 8.09
N ALA A 417 0.39 -3.53 7.29
CA ALA A 417 -0.20 -3.71 5.98
C ALA A 417 -1.68 -4.04 6.09
N SER A 418 -2.05 -4.84 7.08
CA SER A 418 -3.45 -5.17 7.30
C SER A 418 -4.25 -3.93 7.67
N THR A 419 -3.69 -3.05 8.51
CA THR A 419 -4.40 -1.82 8.88
C THR A 419 -4.60 -0.94 7.66
N LYS A 420 -3.60 -0.85 6.78
CA LYS A 420 -3.77 -0.10 5.55
C LYS A 420 -4.89 -0.67 4.69
N GLN A 421 -4.96 -2.00 4.59
CA GLN A 421 -6.01 -2.63 3.80
C GLN A 421 -7.39 -2.35 4.41
N LEU A 422 -7.49 -2.39 5.74
CA LEU A 422 -8.77 -2.19 6.39
C LEU A 422 -9.28 -0.77 6.20
N VAL A 423 -8.47 0.22 6.57
CA VAL A 423 -8.97 1.59 6.60
C VAL A 423 -9.21 2.10 5.18
N GLN A 424 -8.25 1.88 4.28
CA GLN A 424 -8.28 2.50 2.96
C GLN A 424 -8.83 1.57 1.87
N ASP A 425 -8.27 0.38 1.73
CA ASP A 425 -8.67 -0.47 0.61
C ASP A 425 -10.05 -1.09 0.78
N ASP A 426 -10.42 -1.48 2.00
CA ASP A 426 -11.73 -2.10 2.20
C ASP A 426 -12.85 -1.09 2.02
N THR A 427 -12.67 0.14 2.53
CA THR A 427 -13.66 1.18 2.31
C THR A 427 -13.72 1.57 0.84
N LEU A 428 -12.60 1.44 0.12
CA LEU A 428 -12.61 1.63 -1.32
C LEU A 428 -13.29 0.44 -2.02
N ALA A 429 -13.11 -0.76 -1.48
CA ALA A 429 -13.78 -1.93 -2.04
C ALA A 429 -15.30 -1.85 -1.93
N LEU A 430 -15.81 -1.04 -0.99
CA LEU A 430 -17.25 -0.81 -0.88
C LEU A 430 -17.78 0.12 -1.95
N HIS A 431 -16.94 0.65 -2.83
CA HIS A 431 -17.38 1.62 -3.83
C HIS A 431 -18.50 1.04 -4.69
N TYR A 432 -18.20 -0.01 -5.44
CA TYR A 432 -19.17 -0.57 -6.38
C TYR A 432 -20.43 -1.05 -5.68
N LEU A 433 -20.32 -1.46 -4.42
CA LEU A 433 -21.49 -1.95 -3.71
C LEU A 433 -22.50 -0.84 -3.45
N ILE A 434 -22.03 0.34 -3.05
CA ILE A 434 -22.88 1.38 -2.49
C ILE A 434 -23.08 2.55 -3.45
N THR A 435 -22.58 2.46 -4.69
CA THR A 435 -22.93 3.44 -5.72
C THR A 435 -23.19 2.86 -7.09
N HIS A 436 -22.83 1.60 -7.37
CA HIS A 436 -23.02 1.00 -8.68
C HIS A 436 -23.85 -0.28 -8.66
N ALA A 437 -24.03 -0.92 -7.51
CA ALA A 437 -24.67 -2.23 -7.48
C ALA A 437 -26.17 -2.12 -7.73
N ILE A 438 -26.86 -1.35 -6.89
CA ILE A 438 -28.32 -1.25 -7.02
C ILE A 438 -28.74 -0.62 -8.34
N PRO A 439 -28.14 0.51 -8.80
CA PRO A 439 -28.49 1.02 -10.13
C PRO A 439 -28.30 0.01 -11.25
N ASP A 440 -27.19 -0.73 -11.25
CA ASP A 440 -26.98 -1.73 -12.29
C ASP A 440 -27.98 -2.88 -12.16
N ALA A 441 -28.31 -3.26 -10.93
CA ALA A 441 -29.23 -4.38 -10.73
C ALA A 441 -30.63 -4.05 -11.24
N VAL A 442 -31.16 -2.88 -10.88
CA VAL A 442 -32.50 -2.53 -11.32
C VAL A 442 -32.51 -2.29 -12.84
N ALA A 443 -31.44 -1.69 -13.36
CA ALA A 443 -31.35 -1.47 -14.79
C ALA A 443 -31.27 -2.78 -15.56
N ALA A 444 -30.47 -3.72 -15.07
CA ALA A 444 -30.35 -5.02 -15.72
C ALA A 444 -31.60 -5.88 -15.57
N VAL A 445 -32.54 -5.50 -14.71
CA VAL A 445 -33.80 -6.21 -14.57
C VAL A 445 -34.90 -5.54 -15.38
N VAL A 446 -35.12 -4.24 -15.18
CA VAL A 446 -36.29 -3.60 -15.75
C VAL A 446 -36.14 -3.44 -17.26
N ALA A 447 -34.94 -3.15 -17.75
CA ALA A 447 -34.78 -2.89 -19.18
C ALA A 447 -34.90 -4.15 -20.02
N PRO A 448 -34.18 -5.24 -19.74
CA PRO A 448 -34.47 -6.49 -20.47
C PRO A 448 -35.91 -6.96 -20.32
N VAL A 449 -36.51 -6.79 -19.14
CA VAL A 449 -37.89 -7.22 -18.96
C VAL A 449 -38.82 -6.35 -19.78
N ALA A 450 -38.67 -5.03 -19.70
CA ALA A 450 -39.54 -4.14 -20.46
C ALA A 450 -39.33 -4.32 -21.95
N VAL A 451 -38.08 -4.43 -22.40
CA VAL A 451 -37.81 -4.59 -23.82
C VAL A 451 -38.35 -5.93 -24.31
N LEU A 452 -37.99 -7.02 -23.62
CA LEU A 452 -38.35 -8.35 -24.13
C LEU A 452 -39.86 -8.56 -24.10
N VAL A 453 -40.56 -7.96 -23.13
CA VAL A 453 -42.01 -8.04 -23.14
C VAL A 453 -42.58 -7.27 -24.33
N TYR A 454 -42.08 -6.06 -24.58
CA TYR A 454 -42.56 -5.27 -25.71
C TYR A 454 -42.25 -5.96 -27.03
N LEU A 455 -41.04 -6.50 -27.17
CA LEU A 455 -40.70 -7.23 -28.39
C LEU A 455 -41.36 -8.60 -28.46
N PHE A 456 -41.69 -9.20 -27.32
CA PHE A 456 -42.51 -10.41 -27.35
C PHE A 456 -43.90 -10.09 -27.89
N VAL A 457 -44.46 -8.94 -27.51
CA VAL A 457 -45.77 -8.54 -28.02
C VAL A 457 -45.68 -8.27 -29.52
N ALA A 458 -44.60 -7.66 -29.98
CA ALA A 458 -44.47 -7.34 -31.40
C ALA A 458 -44.37 -8.60 -32.24
N ASP A 459 -43.38 -9.43 -31.97
CA ASP A 459 -43.22 -10.69 -32.69
C ASP A 459 -42.43 -11.64 -31.79
N TRP A 460 -43.11 -12.65 -31.25
CA TRP A 460 -42.45 -13.60 -30.37
C TRP A 460 -41.37 -14.39 -31.09
N ARG A 461 -41.50 -14.57 -32.41
CA ARG A 461 -40.58 -15.45 -33.15
C ARG A 461 -39.15 -14.95 -33.08
N VAL A 462 -38.94 -13.64 -33.26
CA VAL A 462 -37.59 -13.08 -33.12
C VAL A 462 -37.25 -12.80 -31.66
N ALA A 463 -38.25 -12.72 -30.78
CA ALA A 463 -37.95 -12.56 -29.36
C ALA A 463 -37.30 -13.82 -28.78
N LEU A 464 -37.59 -14.98 -29.35
CA LEU A 464 -37.00 -16.21 -28.83
C LEU A 464 -35.51 -16.28 -29.15
N VAL A 465 -35.11 -15.83 -30.34
CA VAL A 465 -33.69 -15.80 -30.66
C VAL A 465 -32.97 -14.71 -29.85
N LEU A 466 -33.72 -13.74 -29.30
CA LEU A 466 -33.14 -12.81 -28.34
C LEU A 466 -32.97 -13.47 -26.98
N PHE A 467 -33.86 -14.41 -26.63
CA PHE A 467 -33.73 -15.12 -25.36
C PHE A 467 -32.45 -15.96 -25.34
N ILE A 468 -32.04 -16.48 -26.49
CA ILE A 468 -30.90 -17.39 -26.59
C ILE A 468 -29.62 -16.76 -26.03
N PRO A 469 -29.15 -15.61 -26.54
CA PRO A 469 -27.94 -15.02 -25.94
C PRO A 469 -28.12 -14.62 -24.49
N VAL A 470 -29.35 -14.31 -24.07
CA VAL A 470 -29.58 -14.01 -22.65
C VAL A 470 -29.35 -15.26 -21.81
N LEU A 471 -29.86 -16.41 -22.26
CA LEU A 471 -29.60 -17.66 -21.55
C LEU A 471 -28.11 -18.00 -21.58
N VAL A 472 -27.46 -17.82 -22.73
CA VAL A 472 -26.03 -18.07 -22.83
C VAL A 472 -25.26 -17.14 -21.90
N TYR A 473 -25.64 -15.86 -21.88
CA TYR A 473 -24.99 -14.91 -20.99
C TYR A 473 -25.21 -15.26 -19.53
N LEU A 474 -26.42 -15.69 -19.17
CA LEU A 474 -26.68 -16.04 -17.77
C LEU A 474 -25.88 -17.26 -17.35
N VAL A 475 -25.71 -18.23 -18.26
CA VAL A 475 -24.85 -19.38 -17.95
C VAL A 475 -23.41 -18.92 -17.74
N LEU A 476 -22.92 -18.02 -18.59
CA LEU A 476 -21.58 -17.50 -18.41
C LEU A 476 -21.46 -16.72 -17.10
N MET A 477 -22.48 -15.95 -16.76
CA MET A 477 -22.44 -15.19 -15.51
C MET A 477 -22.39 -16.13 -14.30
N SER A 478 -23.21 -17.18 -14.31
CA SER A 478 -23.29 -18.06 -13.15
C SER A 478 -22.00 -18.84 -12.95
N VAL A 479 -21.48 -19.44 -14.02
CA VAL A 479 -20.26 -20.26 -13.88
C VAL A 479 -19.07 -19.39 -13.52
N MET A 480 -19.01 -18.17 -14.06
CA MET A 480 -17.93 -17.26 -13.69
C MET A 480 -18.01 -16.89 -12.21
N THR A 481 -19.23 -16.58 -11.73
CA THR A 481 -19.39 -16.22 -10.33
C THR A 481 -19.02 -17.37 -9.41
N ILE A 482 -19.45 -18.58 -9.75
CA ILE A 482 -19.11 -19.76 -8.94
C ILE A 482 -17.61 -20.02 -9.00
N GLN A 483 -17.02 -19.94 -10.19
CA GLN A 483 -15.62 -20.31 -10.36
C GLN A 483 -14.69 -19.31 -9.69
N SER A 484 -15.01 -18.02 -9.76
CA SER A 484 -14.19 -16.96 -9.20
C SER A 484 -14.58 -16.60 -7.77
N GLY A 485 -15.62 -17.24 -7.21
CA GLY A 485 -16.03 -16.90 -5.86
C GLY A 485 -14.97 -17.20 -4.82
N SER A 486 -14.37 -18.39 -4.90
CA SER A 486 -13.33 -18.75 -3.93
C SER A 486 -12.11 -17.86 -4.09
N LYS A 487 -11.71 -17.59 -5.33
CA LYS A 487 -10.50 -16.79 -5.57
C LYS A 487 -10.69 -15.36 -5.08
N ILE A 488 -11.88 -14.80 -5.24
CA ILE A 488 -12.15 -13.46 -4.74
C ILE A 488 -12.09 -13.44 -3.22
N ALA A 489 -12.54 -14.52 -2.58
CA ALA A 489 -12.45 -14.60 -1.12
C ALA A 489 -11.00 -14.63 -0.65
N GLN A 490 -10.14 -15.35 -1.36
CA GLN A 490 -8.72 -15.42 -1.01
C GLN A 490 -7.96 -14.16 -1.39
N ALA A 491 -8.50 -13.34 -2.30
CA ALA A 491 -7.79 -12.15 -2.78
C ALA A 491 -7.40 -11.17 -1.68
N PRO A 492 -8.29 -10.74 -0.78
CA PRO A 492 -7.84 -9.79 0.25
C PRO A 492 -6.75 -10.33 1.15
N ARG A 493 -6.73 -11.64 1.39
CA ARG A 493 -5.63 -12.22 2.16
C ARG A 493 -4.32 -12.11 1.40
N TRP A 494 -4.33 -12.38 0.09
CA TRP A 494 -3.10 -12.31 -0.68
C TRP A 494 -2.59 -10.87 -0.76
N ALA A 495 -3.48 -9.92 -0.98
CA ALA A 495 -3.08 -8.52 -0.99
C ALA A 495 -2.57 -8.09 0.38
N GLU A 496 -3.18 -8.62 1.45
CA GLU A 496 -2.68 -8.35 2.80
C GLU A 496 -1.26 -8.84 2.96
N ARG A 497 -0.99 -10.09 2.56
CA ARG A 497 0.35 -10.65 2.72
C ARG A 497 1.37 -9.91 1.87
N MET A 498 1.01 -9.61 0.62
CA MET A 498 1.94 -8.89 -0.24
C MET A 498 2.19 -7.47 0.26
N GLY A 499 1.17 -6.85 0.86
CA GLY A 499 1.39 -5.55 1.48
C GLY A 499 2.39 -5.63 2.62
N GLY A 500 2.34 -6.70 3.40
CA GLY A 500 3.34 -6.90 4.44
C GLY A 500 4.73 -7.10 3.88
N GLU A 501 4.85 -7.93 2.85
CA GLU A 501 6.15 -8.17 2.23
C GLU A 501 6.70 -6.90 1.59
N ALA A 502 5.82 -6.14 0.92
CA ALA A 502 6.26 -4.89 0.29
C ALA A 502 6.74 -3.90 1.33
N GLY A 503 6.05 -3.81 2.47
CA GLY A 503 6.50 -2.91 3.52
C GLY A 503 7.82 -3.35 4.12
N ALA A 504 7.97 -4.65 4.38
CA ALA A 504 9.22 -5.15 4.94
C ALA A 504 10.37 -5.05 3.94
N PHE A 505 10.06 -5.22 2.65
CA PHE A 505 11.10 -5.12 1.63
C PHE A 505 11.69 -3.72 1.57
N LEU A 506 10.91 -2.70 1.91
CA LEU A 506 11.36 -1.32 1.92
C LEU A 506 11.90 -0.89 3.27
N GLU A 507 11.27 -1.33 4.36
CA GLU A 507 11.72 -0.93 5.69
C GLU A 507 13.01 -1.66 6.06
N GLY A 508 13.07 -2.97 5.81
CA GLY A 508 14.25 -3.75 6.12
C GLY A 508 15.20 -3.89 4.93
N GLN A 509 15.43 -2.77 4.24
CA GLN A 509 16.31 -2.75 3.08
C GLN A 509 17.75 -3.13 3.42
N PRO A 510 18.35 -2.57 4.49
CA PRO A 510 19.73 -2.98 4.81
C PRO A 510 19.88 -4.47 5.06
N VAL A 511 18.86 -5.11 5.63
CA VAL A 511 18.89 -6.56 5.79
C VAL A 511 18.80 -7.25 4.43
N ILE A 512 17.94 -6.73 3.55
CA ILE A 512 17.79 -7.34 2.22
C ILE A 512 19.06 -7.19 1.41
N ARG A 513 19.75 -6.04 1.55
CA ARG A 513 20.96 -5.81 0.78
C ARG A 513 22.08 -6.76 1.20
N ILE A 514 22.45 -6.72 2.47
CA ILE A 514 23.62 -7.48 2.93
C ILE A 514 23.32 -8.97 2.93
N PHE A 515 22.16 -9.37 3.45
CA PHE A 515 21.80 -10.77 3.61
C PHE A 515 20.89 -11.18 2.46
N GLY A 516 21.36 -12.10 1.64
CA GLY A 516 20.58 -12.68 0.56
C GLY A 516 20.62 -11.92 -0.75
N GLY A 517 20.54 -10.59 -0.68
CA GLY A 517 20.49 -9.79 -1.88
C GLY A 517 19.11 -9.79 -2.51
N ALA A 518 19.06 -9.25 -3.73
CA ALA A 518 17.80 -9.11 -4.44
C ALA A 518 17.19 -10.47 -4.78
N ALA A 519 18.01 -11.40 -5.26
CA ALA A 519 17.49 -12.66 -5.79
C ALA A 519 16.92 -13.54 -4.69
N ALA A 520 17.63 -13.68 -3.57
CA ALA A 520 17.26 -14.62 -2.53
C ALA A 520 16.25 -14.06 -1.54
N SER A 521 15.78 -12.83 -1.73
CA SER A 521 14.89 -12.21 -0.76
C SER A 521 13.53 -12.92 -0.73
N ARG A 522 12.90 -12.86 0.44
CA ARG A 522 11.56 -13.42 0.61
C ARG A 522 10.53 -12.71 -0.26
N PHE A 523 10.76 -11.43 -0.56
CA PHE A 523 9.78 -10.65 -1.31
C PHE A 523 9.56 -11.21 -2.71
N ARG A 524 10.64 -11.47 -3.44
CA ARG A 524 10.49 -12.06 -4.77
C ARG A 524 9.96 -13.49 -4.69
N ARG A 525 10.27 -14.21 -3.61
CA ARG A 525 9.75 -15.57 -3.47
C ARG A 525 8.23 -15.58 -3.41
N ARG A 526 7.64 -14.64 -2.66
CA ARG A 526 6.19 -14.55 -2.58
C ARG A 526 5.59 -13.72 -3.70
N LEU A 527 6.39 -12.87 -4.35
CA LEU A 527 5.90 -12.13 -5.51
C LEU A 527 5.56 -13.07 -6.65
N ASP A 528 6.40 -14.08 -6.89
CA ASP A 528 6.11 -15.07 -7.91
C ASP A 528 4.85 -15.85 -7.58
N ASP A 529 4.67 -16.23 -6.32
CA ASP A 529 3.46 -16.92 -5.90
C ASP A 529 2.22 -16.04 -6.09
N TYR A 530 2.34 -14.76 -5.77
CA TYR A 530 1.19 -13.87 -5.89
C TYR A 530 0.80 -13.66 -7.35
N ILE A 531 1.77 -13.38 -8.21
CA ILE A 531 1.47 -13.18 -9.63
C ILE A 531 0.96 -14.47 -10.25
N ASP A 532 1.47 -15.61 -9.81
CA ASP A 532 0.93 -16.89 -10.26
C ASP A 532 -0.52 -17.03 -9.84
N PHE A 533 -0.85 -16.61 -8.62
CA PHE A 533 -2.25 -16.64 -8.17
C PHE A 533 -3.12 -15.73 -9.01
N LEU A 534 -2.62 -14.53 -9.34
CA LEU A 534 -3.39 -13.62 -10.19
C LEU A 534 -3.63 -14.22 -11.57
N VAL A 535 -2.62 -14.87 -12.15
CA VAL A 535 -2.76 -15.47 -13.46
C VAL A 535 -3.80 -16.59 -13.42
N SER A 536 -3.71 -17.46 -12.42
CA SER A 536 -4.67 -18.56 -12.29
C SER A 536 -6.07 -18.06 -11.98
N TRP A 537 -6.19 -16.91 -11.31
CA TRP A 537 -7.50 -16.33 -11.02
C TRP A 537 -8.03 -15.53 -12.19
N GLN A 538 -7.19 -14.70 -12.81
CA GLN A 538 -7.64 -13.76 -13.82
C GLN A 538 -7.77 -14.37 -15.20
N ARG A 539 -7.11 -15.50 -15.46
CA ARG A 539 -7.18 -16.07 -16.81
C ARG A 539 -8.56 -16.63 -17.12
N PRO A 540 -9.09 -17.60 -16.37
CA PRO A 540 -10.47 -18.03 -16.67
C PRO A 540 -11.49 -16.96 -16.37
N PHE A 541 -11.22 -16.07 -15.41
CA PHE A 541 -12.15 -14.99 -15.11
C PHE A 541 -12.29 -14.03 -16.29
N VAL A 542 -11.16 -13.57 -16.83
CA VAL A 542 -11.21 -12.70 -18.00
C VAL A 542 -11.75 -13.47 -19.21
N GLY A 543 -11.48 -14.77 -19.29
CA GLY A 543 -12.01 -15.55 -20.40
C GLY A 543 -13.52 -15.54 -20.45
N LYS A 544 -14.16 -15.79 -19.30
CA LYS A 544 -15.62 -15.66 -19.22
C LYS A 544 -16.05 -14.21 -19.36
N LYS A 545 -15.21 -13.27 -18.90
CA LYS A 545 -15.57 -11.86 -18.94
C LYS A 545 -15.72 -11.36 -20.39
N THR A 546 -14.86 -11.84 -21.28
CA THR A 546 -14.93 -11.38 -22.67
C THR A 546 -15.92 -12.18 -23.51
N LEU A 547 -16.16 -13.45 -23.17
CA LEU A 547 -17.27 -14.15 -23.82
C LEU A 547 -18.59 -13.49 -23.49
N MET A 548 -18.72 -12.89 -22.30
CA MET A 548 -19.92 -12.15 -21.99
C MET A 548 -20.05 -10.90 -22.85
N ASP A 549 -18.93 -10.25 -23.18
CA ASP A 549 -18.97 -9.11 -24.08
C ASP A 549 -19.50 -9.52 -25.45
N LEU A 550 -18.92 -10.58 -26.04
CA LEU A 550 -19.31 -10.97 -27.39
C LEU A 550 -20.75 -11.46 -27.44
N VAL A 551 -21.21 -12.14 -26.38
CA VAL A 551 -22.59 -12.60 -26.37
C VAL A 551 -23.55 -11.41 -26.27
N THR A 552 -23.26 -10.48 -25.37
CA THR A 552 -24.11 -9.31 -25.14
C THR A 552 -23.72 -8.12 -25.99
N ARG A 553 -22.80 -8.29 -26.94
CA ARG A 553 -22.39 -7.19 -27.80
C ARG A 553 -23.58 -6.75 -28.67
N PRO A 554 -23.76 -5.44 -28.90
CA PRO A 554 -24.89 -5.03 -29.77
C PRO A 554 -24.81 -5.58 -31.18
N ALA A 555 -23.62 -5.72 -31.73
CA ALA A 555 -23.47 -6.34 -33.04
C ALA A 555 -23.94 -7.78 -33.03
N THR A 556 -23.68 -8.50 -31.94
CA THR A 556 -24.12 -9.89 -31.83
C THR A 556 -25.65 -9.98 -31.80
N PHE A 557 -26.30 -9.11 -31.03
CA PHE A 557 -27.75 -9.06 -31.06
C PHE A 557 -28.27 -8.66 -32.43
N LEU A 558 -27.62 -7.68 -33.05
CA LEU A 558 -28.09 -7.19 -34.35
C LEU A 558 -27.95 -8.27 -35.42
N TRP A 559 -26.90 -9.10 -35.32
CA TRP A 559 -26.73 -10.20 -36.27
C TRP A 559 -27.82 -11.26 -36.09
N ILE A 560 -28.03 -11.70 -34.85
CA ILE A 560 -28.95 -12.80 -34.61
C ILE A 560 -30.40 -12.35 -34.83
N ILE A 561 -30.69 -11.07 -34.63
CA ILE A 561 -31.99 -10.53 -35.01
C ILE A 561 -32.22 -10.70 -36.51
N LEU A 562 -31.21 -10.35 -37.32
CA LEU A 562 -31.36 -10.43 -38.76
C LEU A 562 -31.34 -11.87 -39.26
N VAL A 563 -30.60 -12.75 -38.59
CA VAL A 563 -30.55 -14.15 -38.99
C VAL A 563 -31.93 -14.79 -38.86
N ALA A 564 -32.69 -14.39 -37.84
CA ALA A 564 -34.07 -14.86 -37.67
C ALA A 564 -35.10 -13.96 -38.34
N GLY A 565 -34.70 -12.80 -38.86
CA GLY A 565 -35.62 -11.89 -39.52
C GLY A 565 -35.61 -12.02 -41.03
N VAL A 566 -34.41 -12.04 -41.62
CA VAL A 566 -34.30 -12.08 -43.08
C VAL A 566 -34.97 -13.31 -43.67
N PRO A 567 -34.76 -14.54 -43.16
CA PRO A 567 -35.52 -15.68 -43.72
C PRO A 567 -37.02 -15.51 -43.59
N LEU A 568 -37.50 -14.89 -42.52
CA LEU A 568 -38.93 -14.62 -42.39
C LEU A 568 -39.37 -13.49 -43.33
N VAL A 569 -38.52 -12.47 -43.50
CA VAL A 569 -38.87 -11.37 -44.39
C VAL A 569 -38.87 -11.82 -45.84
N VAL A 570 -37.84 -12.57 -46.24
CA VAL A 570 -37.75 -13.03 -47.62
C VAL A 570 -38.91 -13.97 -47.95
N THR A 571 -39.22 -14.89 -47.04
CA THR A 571 -40.40 -15.72 -47.17
C THR A 571 -41.63 -14.90 -46.77
N GLY A 572 -42.81 -15.50 -46.94
CA GLY A 572 -44.06 -14.83 -46.62
C GLY A 572 -44.50 -15.04 -45.19
N ARG A 573 -43.55 -15.02 -44.25
CA ARG A 573 -43.83 -15.27 -42.84
C ARG A 573 -43.82 -14.01 -41.98
N MET A 574 -43.27 -12.91 -42.48
CA MET A 574 -43.15 -11.69 -41.67
C MET A 574 -43.05 -10.49 -42.61
N ASP A 575 -43.54 -9.34 -42.11
CA ASP A 575 -43.45 -8.07 -42.82
C ASP A 575 -42.23 -7.31 -42.31
N PRO A 576 -41.39 -6.69 -43.16
CA PRO A 576 -40.18 -6.04 -42.64
C PRO A 576 -40.44 -4.84 -41.75
N VAL A 577 -41.68 -4.32 -41.71
CA VAL A 577 -41.98 -3.20 -40.82
C VAL A 577 -41.84 -3.62 -39.37
N ASN A 578 -42.18 -4.87 -39.05
CA ASN A 578 -42.13 -5.37 -37.68
C ASN A 578 -40.71 -5.69 -37.22
N LEU A 579 -39.70 -5.58 -38.09
CA LEU A 579 -38.32 -5.69 -37.64
C LEU A 579 -37.81 -4.40 -37.02
N LEU A 580 -38.51 -3.28 -37.22
CA LEU A 580 -38.01 -2.01 -36.70
C LEU A 580 -37.88 -1.98 -35.18
N PRO A 581 -38.85 -2.47 -34.38
CA PRO A 581 -38.61 -2.52 -32.93
C PRO A 581 -37.39 -3.32 -32.54
N PHE A 582 -37.14 -4.44 -33.22
CA PHE A 582 -36.02 -5.31 -32.84
C PHE A 582 -34.68 -4.65 -33.15
N LEU A 583 -34.56 -4.04 -34.33
CA LEU A 583 -33.30 -3.39 -34.70
C LEU A 583 -33.01 -2.19 -33.82
N LEU A 584 -34.05 -1.50 -33.34
CA LEU A 584 -33.88 -0.27 -32.59
C LEU A 584 -33.84 -0.50 -31.08
N LEU A 585 -34.69 -1.38 -30.54
CA LEU A 585 -34.70 -1.73 -29.13
C LEU A 585 -33.90 -2.98 -28.81
N GLY A 586 -33.92 -3.97 -29.71
CA GLY A 586 -33.36 -5.28 -29.39
C GLY A 586 -31.88 -5.30 -29.11
N THR A 587 -31.15 -4.25 -29.51
CA THR A 587 -29.71 -4.17 -29.30
C THR A 587 -29.34 -3.35 -28.07
N THR A 588 -30.31 -2.71 -27.40
CA THR A 588 -30.01 -1.71 -26.39
C THR A 588 -29.93 -2.27 -24.98
N PHE A 589 -30.54 -3.42 -24.71
CA PHE A 589 -30.51 -4.00 -23.37
C PHE A 589 -29.28 -4.87 -23.13
N GLY A 590 -28.48 -5.14 -24.16
CA GLY A 590 -27.31 -5.97 -23.96
C GLY A 590 -26.27 -5.32 -23.06
N ALA A 591 -26.01 -4.03 -23.27
CA ALA A 591 -25.03 -3.33 -22.46
C ALA A 591 -25.47 -3.21 -21.00
N ARG A 592 -26.77 -3.27 -20.73
CA ARG A 592 -27.26 -3.18 -19.36
C ARG A 592 -27.15 -4.50 -18.64
N LEU A 593 -27.37 -5.62 -19.36
CA LEU A 593 -27.13 -6.93 -18.78
C LEU A 593 -25.66 -7.10 -18.43
N LEU A 594 -24.77 -6.55 -19.26
CA LEU A 594 -23.33 -6.67 -19.01
C LEU A 594 -22.91 -5.92 -17.75
N GLY A 595 -23.72 -4.97 -17.28
CA GLY A 595 -23.42 -4.26 -16.05
C GLY A 595 -23.26 -5.18 -14.87
N ILE A 596 -24.35 -5.88 -14.50
CA ILE A 596 -24.28 -6.81 -13.37
C ILE A 596 -23.37 -7.99 -13.68
N GLY A 597 -23.22 -8.35 -14.96
CA GLY A 597 -22.29 -9.41 -15.31
C GLY A 597 -20.88 -9.10 -14.84
N TYR A 598 -20.43 -7.86 -15.03
CA TYR A 598 -19.17 -7.41 -14.44
C TYR A 598 -19.31 -7.11 -12.95
N GLY A 599 -20.51 -6.73 -12.50
CA GLY A 599 -20.69 -6.21 -11.16
C GLY A 599 -20.86 -7.23 -10.05
N LEU A 600 -21.21 -8.48 -10.37
CA LEU A 600 -21.35 -9.47 -9.31
C LEU A 600 -20.03 -9.71 -8.60
N SER A 601 -18.91 -9.65 -9.33
CA SER A 601 -17.61 -9.73 -8.68
C SER A 601 -17.40 -8.53 -7.76
N GLY A 602 -17.80 -7.34 -8.19
CA GLY A 602 -17.69 -6.18 -7.32
C GLY A 602 -18.59 -6.28 -6.10
N ILE A 603 -19.78 -6.85 -6.26
CA ILE A 603 -20.69 -7.01 -5.12
C ILE A 603 -20.13 -8.04 -4.15
N GLN A 604 -19.54 -9.12 -4.67
CA GLN A 604 -18.89 -10.09 -3.81
C GLN A 604 -17.74 -9.46 -3.04
N THR A 605 -16.91 -8.67 -3.71
CA THR A 605 -15.79 -8.03 -3.04
C THR A 605 -16.27 -7.03 -2.00
N GLY A 606 -17.31 -6.26 -2.32
CA GLY A 606 -17.84 -5.29 -1.38
C GLY A 606 -18.44 -5.92 -0.15
N MET A 607 -19.21 -7.00 -0.32
CA MET A 607 -19.84 -7.66 0.82
C MET A 607 -18.79 -8.24 1.76
N LEU A 608 -17.75 -8.87 1.22
CA LEU A 608 -16.68 -9.35 2.06
C LEU A 608 -15.94 -8.20 2.72
N ALA A 609 -15.75 -7.09 1.99
CA ALA A 609 -15.11 -5.92 2.59
C ALA A 609 -15.94 -5.36 3.73
N ALA A 610 -17.27 -5.37 3.59
CA ALA A 610 -18.13 -4.98 4.71
C ALA A 610 -17.96 -5.93 5.89
N ARG A 611 -17.85 -7.23 5.61
CA ARG A 611 -17.65 -8.20 6.67
C ARG A 611 -16.33 -7.97 7.39
N ARG A 612 -15.28 -7.67 6.62
CA ARG A 612 -13.97 -7.43 7.22
C ARG A 612 -13.93 -6.13 8.00
N ILE A 613 -14.75 -5.15 7.63
CA ILE A 613 -14.79 -3.88 8.35
C ILE A 613 -15.65 -4.00 9.61
N GLN A 614 -16.85 -4.56 9.47
CA GLN A 614 -17.73 -4.68 10.62
C GLN A 614 -17.17 -5.63 11.66
N THR A 615 -16.35 -6.59 11.25
CA THR A 615 -15.72 -7.49 12.21
C THR A 615 -14.73 -6.73 13.09
N VAL A 616 -14.17 -5.63 12.59
CA VAL A 616 -13.26 -4.83 13.39
C VAL A 616 -14.03 -3.85 14.26
N LEU A 617 -15.10 -3.26 13.72
CA LEU A 617 -15.93 -2.38 14.52
C LEU A 617 -16.66 -3.13 15.64
N ASP A 618 -16.84 -4.44 15.50
CA ASP A 618 -17.37 -5.28 16.57
C ASP A 618 -16.27 -5.81 17.48
N GLU A 619 -15.02 -5.45 17.25
CA GLU A 619 -13.92 -5.96 18.06
C GLU A 619 -14.05 -5.43 19.49
N PRO A 620 -13.72 -6.22 20.52
CA PRO A 620 -13.64 -5.65 21.86
C PRO A 620 -12.56 -4.60 21.95
N GLU A 621 -12.78 -3.61 22.82
CA GLU A 621 -11.91 -2.46 22.96
C GLU A 621 -11.58 -2.25 24.44
N LEU A 622 -10.73 -1.27 24.71
CA LEU A 622 -10.39 -0.88 26.08
C LEU A 622 -11.51 0.00 26.62
N VAL A 623 -12.60 -0.67 27.01
CA VAL A 623 -13.78 0.05 27.50
C VAL A 623 -13.46 0.79 28.80
N VAL A 624 -14.22 1.85 29.05
CA VAL A 624 -14.10 2.66 30.26
C VAL A 624 -15.23 2.26 31.20
N ARG A 625 -14.88 1.93 32.44
CA ARG A 625 -15.84 1.40 33.40
C ARG A 625 -16.53 2.54 34.14
N ASP A 626 -17.59 2.18 34.88
CA ASP A 626 -18.44 3.15 35.55
C ASP A 626 -18.12 3.33 37.03
N ARG A 627 -17.34 2.43 37.64
CA ARG A 627 -17.19 2.43 39.10
C ARG A 627 -16.54 3.72 39.59
N THR A 628 -15.54 4.22 38.88
CA THR A 628 -14.84 5.45 39.26
C THR A 628 -14.22 5.33 40.65
N ARG A 642 -0.08 10.90 47.95
CA ARG A 642 -0.81 10.01 47.03
C ARG A 642 -1.00 10.51 45.59
N PRO A 643 -1.13 11.82 45.33
CA PRO A 643 -1.24 12.26 43.94
C PRO A 643 0.01 11.91 43.15
N GLY A 644 -0.19 11.21 42.03
CA GLY A 644 0.91 10.66 41.26
C GLY A 644 1.30 9.26 41.67
N THR A 645 0.43 8.53 42.35
CA THR A 645 0.73 7.18 42.84
C THR A 645 0.16 6.15 41.87
N VAL A 646 1.05 5.39 41.23
CA VAL A 646 0.66 4.25 40.41
C VAL A 646 0.83 2.99 41.24
N GLU A 647 -0.22 2.20 41.35
CA GLU A 647 -0.29 1.09 42.30
C GLU A 647 -0.74 -0.18 41.56
N LEU A 648 0.23 -1.00 41.16
CA LEU A 648 -0.09 -2.34 40.68
C LEU A 648 -0.45 -3.22 41.87
N ASP A 649 -1.42 -4.11 41.68
CA ASP A 649 -1.92 -4.93 42.77
C ASP A 649 -2.32 -6.29 42.19
N ARG A 650 -1.49 -7.31 42.47
CA ARG A 650 -1.77 -8.69 42.04
C ARG A 650 -1.95 -8.78 40.53
N VAL A 651 -1.11 -8.09 39.79
CA VAL A 651 -1.26 -8.00 38.34
C VAL A 651 -0.70 -9.26 37.68
N SER A 652 -1.43 -9.75 36.68
CA SER A 652 -0.96 -10.82 35.82
C SER A 652 -1.41 -10.52 34.40
N PHE A 653 -0.66 -11.01 33.42
CA PHE A 653 -0.95 -10.70 32.02
C PHE A 653 -0.36 -11.78 31.14
N GLU A 654 -1.05 -12.07 30.04
CA GLU A 654 -0.61 -13.06 29.05
C GLU A 654 -0.93 -12.52 27.67
N TYR A 655 0.10 -12.35 26.84
CA TYR A 655 -0.13 -11.88 25.47
C TYR A 655 -0.97 -12.87 24.69
N ARG A 656 -0.65 -14.17 24.78
CA ARG A 656 -1.45 -15.25 24.26
C ARG A 656 -2.10 -16.01 25.42
N PRO A 657 -3.28 -16.61 25.23
CA PRO A 657 -3.83 -17.45 26.31
C PRO A 657 -2.92 -18.64 26.58
N GLY A 658 -2.64 -18.87 27.86
CA GLY A 658 -1.76 -19.95 28.26
C GLY A 658 -0.29 -19.63 28.15
N VAL A 659 0.09 -18.37 28.00
CA VAL A 659 1.48 -17.94 27.92
C VAL A 659 1.68 -16.81 28.93
N PRO A 660 1.74 -17.11 30.22
CA PRO A 660 1.85 -16.04 31.22
C PRO A 660 3.21 -15.34 31.12
N VAL A 661 3.17 -14.04 30.82
CA VAL A 661 4.36 -13.21 30.79
C VAL A 661 4.57 -12.44 32.09
N ILE A 662 3.50 -12.20 32.85
CA ILE A 662 3.58 -11.60 34.18
C ILE A 662 2.83 -12.52 35.14
N ARG A 663 3.39 -12.71 36.34
CA ARG A 663 2.88 -13.69 37.30
C ARG A 663 2.79 -13.03 38.68
N ASP A 664 1.62 -12.49 39.01
CA ASP A 664 1.29 -12.09 40.38
C ASP A 664 2.21 -10.99 40.88
N VAL A 665 2.41 -9.97 40.05
CA VAL A 665 3.24 -8.83 40.42
C VAL A 665 2.45 -7.86 41.28
N THR A 666 3.06 -7.40 42.37
CA THR A 666 2.49 -6.38 43.23
C THR A 666 3.56 -5.32 43.47
N LEU A 667 3.28 -4.09 43.05
CA LEU A 667 4.28 -3.04 43.10
C LEU A 667 3.56 -1.70 43.21
N THR A 668 4.07 -0.83 44.09
CA THR A 668 3.54 0.50 44.31
C THR A 668 4.59 1.53 43.94
N LEU A 669 4.22 2.47 43.09
CA LEU A 669 5.07 3.58 42.66
C LEU A 669 4.55 4.85 43.31
N ARG A 670 5.40 5.52 44.10
CA ARG A 670 5.00 6.62 44.96
C ARG A 670 5.63 7.93 44.49
N PRO A 671 5.02 9.08 44.78
CA PRO A 671 5.67 10.36 44.45
C PRO A 671 7.00 10.52 45.15
N GLY A 672 7.95 11.15 44.46
CA GLY A 672 9.26 11.41 45.00
C GLY A 672 10.25 10.27 44.87
N THR A 673 9.79 9.07 44.50
CA THR A 673 10.64 7.90 44.42
C THR A 673 10.96 7.60 42.95
N VAL A 674 12.19 7.17 42.71
CA VAL A 674 12.63 6.69 41.41
C VAL A 674 12.72 5.17 41.52
N THR A 675 11.85 4.47 40.78
CA THR A 675 11.77 3.02 40.82
C THR A 675 12.52 2.45 39.62
N ALA A 676 13.48 1.58 39.88
CA ALA A 676 14.28 0.93 38.84
C ALA A 676 13.79 -0.50 38.64
N LEU A 677 13.48 -0.85 37.39
CA LEU A 677 12.99 -2.16 37.02
C LEU A 677 14.04 -2.82 36.13
N VAL A 678 14.81 -3.75 36.70
CA VAL A 678 15.91 -4.42 36.01
C VAL A 678 15.66 -5.92 36.03
N GLY A 679 16.46 -6.65 35.27
CA GLY A 679 16.37 -8.09 35.22
C GLY A 679 16.82 -8.66 33.90
N PRO A 680 16.68 -9.98 33.73
CA PRO A 680 17.05 -10.61 32.46
C PRO A 680 16.19 -10.11 31.31
N SER A 681 16.78 -10.11 30.13
CA SER A 681 16.06 -9.74 28.92
C SER A 681 14.92 -10.72 28.66
N GLY A 682 13.79 -10.20 28.18
CA GLY A 682 12.63 -11.04 27.95
C GLY A 682 11.86 -11.41 29.19
N SER A 683 12.06 -10.70 30.30
CA SER A 683 11.44 -11.04 31.57
C SER A 683 10.11 -10.33 31.81
N GLY A 684 9.66 -9.49 30.88
CA GLY A 684 8.38 -8.82 31.01
C GLY A 684 8.41 -7.42 31.57
N LYS A 685 9.57 -6.76 31.58
CA LYS A 685 9.65 -5.42 32.14
C LYS A 685 8.90 -4.42 31.27
N SER A 686 9.15 -4.43 29.97
CA SER A 686 8.45 -3.51 29.08
C SER A 686 6.96 -3.81 29.04
N THR A 687 6.58 -5.08 29.18
CA THR A 687 5.16 -5.42 29.27
C THR A 687 4.52 -4.78 30.49
N LEU A 688 5.21 -4.79 31.62
CA LEU A 688 4.69 -4.14 32.82
C LEU A 688 4.50 -2.64 32.60
N ALA A 689 5.46 -2.01 31.93
CA ALA A 689 5.32 -0.59 31.59
C ALA A 689 4.15 -0.38 30.63
N ALA A 690 3.97 -1.27 29.66
CA ALA A 690 2.85 -1.14 28.74
C ALA A 690 1.52 -1.29 29.48
N LEU A 691 1.45 -2.19 30.46
CA LEU A 691 0.25 -2.33 31.26
C LEU A 691 -0.06 -1.03 32.01
N VAL A 692 0.99 -0.33 32.47
CA VAL A 692 0.77 0.96 33.11
C VAL A 692 0.18 1.96 32.13
N ALA A 693 0.58 1.88 30.85
CA ALA A 693 -0.02 2.70 29.81
C ALA A 693 -1.41 2.23 29.41
N ARG A 694 -1.84 1.06 29.87
CA ARG A 694 -3.10 0.46 29.48
C ARG A 694 -3.16 0.21 27.97
N PHE A 695 -2.02 -0.07 27.35
CA PHE A 695 -2.05 -0.61 26.00
C PHE A 695 -2.71 -1.97 25.99
N HIS A 696 -2.54 -2.75 27.06
CA HIS A 696 -3.23 -4.00 27.28
C HIS A 696 -3.81 -4.01 28.68
N ASP A 697 -4.99 -4.61 28.83
CA ASP A 697 -5.63 -4.74 30.13
C ASP A 697 -5.09 -5.96 30.87
N VAL A 698 -4.84 -5.80 32.17
CA VAL A 698 -4.32 -6.90 32.97
C VAL A 698 -5.34 -8.02 33.02
N THR A 699 -4.86 -9.26 32.86
CA THR A 699 -5.75 -10.41 32.91
C THR A 699 -6.30 -10.64 34.32
N GLN A 700 -5.51 -10.29 35.34
CA GLN A 700 -5.93 -10.41 36.73
C GLN A 700 -5.41 -9.21 37.51
N GLY A 701 -5.97 -8.99 38.68
CA GLY A 701 -5.56 -7.86 39.49
C GLY A 701 -6.06 -6.55 38.91
N ALA A 702 -5.46 -5.46 39.41
CA ALA A 702 -5.85 -4.12 39.00
C ALA A 702 -4.65 -3.19 39.12
N ILE A 703 -4.63 -2.17 38.26
CA ILE A 703 -3.65 -1.10 38.33
C ILE A 703 -4.41 0.19 38.62
N ARG A 704 -3.96 0.93 39.63
CA ARG A 704 -4.61 2.14 40.09
C ARG A 704 -3.66 3.32 39.97
N VAL A 705 -4.17 4.44 39.46
CA VAL A 705 -3.45 5.70 39.38
C VAL A 705 -4.22 6.70 40.24
N ASP A 706 -3.60 7.16 41.32
CA ASP A 706 -4.24 8.06 42.27
C ASP A 706 -5.52 7.44 42.84
N GLY A 707 -5.51 6.12 43.02
CA GLY A 707 -6.66 5.38 43.50
C GLY A 707 -7.57 4.89 42.39
N ARG A 708 -7.80 5.74 41.39
CA ARG A 708 -8.66 5.37 40.27
C ARG A 708 -8.05 4.23 39.47
N ASP A 709 -8.82 3.17 39.27
CA ASP A 709 -8.39 2.12 38.36
C ASP A 709 -8.31 2.69 36.94
N ILE A 710 -7.28 2.26 36.20
CA ILE A 710 -7.10 2.76 34.84
C ILE A 710 -8.25 2.36 33.94
N ARG A 711 -8.98 1.30 34.28
CA ARG A 711 -10.17 0.92 33.51
C ARG A 711 -11.34 1.87 33.73
N THR A 712 -11.27 2.75 34.74
CA THR A 712 -12.26 3.81 34.95
C THR A 712 -11.81 5.16 34.40
N LEU A 713 -10.61 5.24 33.82
CA LEU A 713 -10.06 6.49 33.32
C LEU A 713 -10.20 6.56 31.81
N THR A 714 -10.59 7.74 31.31
CA THR A 714 -10.55 8.00 29.89
C THR A 714 -9.12 8.18 29.42
N ALA A 715 -8.92 8.15 28.11
CA ALA A 715 -7.59 8.31 27.55
C ALA A 715 -6.99 9.66 27.92
N ASP A 716 -7.80 10.72 27.91
CA ASP A 716 -7.31 12.03 28.32
C ASP A 716 -6.92 12.03 29.79
N GLU A 717 -7.78 11.48 30.66
CA GLU A 717 -7.47 11.45 32.08
C GLU A 717 -6.28 10.56 32.38
N LEU A 718 -6.15 9.44 31.67
CA LEU A 718 -5.04 8.53 31.90
C LEU A 718 -3.72 9.14 31.46
N TYR A 719 -3.61 9.49 30.19
CA TYR A 719 -2.34 9.92 29.63
C TYR A 719 -1.94 11.33 30.05
N ARG A 720 -2.83 12.11 30.66
CA ARG A 720 -2.41 13.36 31.28
C ARG A 720 -1.65 13.14 32.58
N ARG A 721 -1.64 11.92 33.11
CA ARG A 721 -0.98 11.58 34.37
C ARG A 721 0.29 10.78 34.21
N VAL A 722 0.41 9.99 33.13
CA VAL A 722 1.54 9.08 32.93
C VAL A 722 2.17 9.39 31.58
N GLY A 723 3.43 9.84 31.59
CA GLY A 723 4.21 10.02 30.39
C GLY A 723 5.17 8.86 30.19
N PHE A 724 5.52 8.61 28.93
CA PHE A 724 6.24 7.40 28.54
C PHE A 724 7.37 7.73 27.57
N VAL A 725 8.54 7.13 27.83
CA VAL A 725 9.62 7.03 26.85
C VAL A 725 9.74 5.55 26.51
N LEU A 726 9.56 5.23 25.23
CA LEU A 726 9.47 3.85 24.79
C LEU A 726 10.81 3.33 24.27
N GLN A 727 10.97 2.01 24.34
CA GLN A 727 12.22 1.40 23.91
C GLN A 727 12.48 1.63 22.42
N ASP A 728 11.46 1.46 21.59
CA ASP A 728 11.55 1.78 20.17
C ASP A 728 11.36 3.27 20.00
N ALA A 729 12.43 3.98 19.64
CA ALA A 729 12.37 5.43 19.49
C ALA A 729 11.62 5.80 18.22
N GLN A 730 10.29 5.65 18.24
CA GLN A 730 9.48 5.87 17.05
C GLN A 730 9.31 7.37 16.82
N LEU A 731 9.59 7.81 15.60
CA LEU A 731 9.38 9.18 15.17
C LEU A 731 8.38 9.21 14.02
N VAL A 732 7.58 10.27 14.00
CA VAL A 732 6.49 10.43 13.02
C VAL A 732 6.98 11.31 11.88
N HIS A 733 6.53 10.98 10.67
CA HIS A 733 6.85 11.79 9.50
C HIS A 733 6.32 13.21 9.69
N GLY A 734 7.21 14.19 9.59
CA GLY A 734 6.86 15.56 9.87
C GLY A 734 8.04 16.33 10.44
N SER A 735 7.82 17.60 10.77
CA SER A 735 8.89 18.45 11.24
C SER A 735 9.43 17.95 12.59
N VAL A 736 10.67 18.33 12.90
CA VAL A 736 11.27 17.97 14.19
C VAL A 736 10.47 18.59 15.32
N ALA A 737 9.99 19.82 15.12
CA ALA A 737 9.15 20.45 16.14
C ALA A 737 7.86 19.67 16.33
N GLU A 738 7.30 19.13 15.24
CA GLU A 738 6.09 18.33 15.36
C GLU A 738 6.36 17.01 16.08
N ASN A 739 7.58 16.47 15.98
CA ASN A 739 7.90 15.24 16.69
C ASN A 739 8.13 15.48 18.18
N ILE A 740 8.84 16.56 18.51
CA ILE A 740 9.03 16.88 19.92
C ILE A 740 7.72 17.37 20.53
N ALA A 741 6.97 18.18 19.79
CA ALA A 741 5.67 18.67 20.22
C ALA A 741 4.55 17.76 19.74
N LEU A 742 4.67 16.47 20.04
CA LEU A 742 3.58 15.53 19.76
C LEU A 742 2.59 15.48 20.92
N ALA A 743 3.09 15.48 22.16
CA ALA A 743 2.20 15.46 23.32
C ALA A 743 1.38 16.75 23.43
N GLU A 744 1.90 17.86 22.90
CA GLU A 744 1.22 19.15 22.99
C GLU A 744 1.58 19.97 21.75
N PRO A 745 0.88 19.75 20.62
CA PRO A 745 1.25 20.46 19.40
C PRO A 745 1.07 21.97 19.48
N ASP A 746 0.25 22.46 20.40
CA ASP A 746 0.05 23.90 20.57
C ASP A 746 1.11 24.56 21.43
N ALA A 747 2.08 23.80 21.95
CA ALA A 747 3.12 24.38 22.78
C ALA A 747 3.97 25.35 21.98
N GLY A 748 4.39 26.43 22.63
CA GLY A 748 5.19 27.42 21.96
C GLY A 748 6.57 26.89 21.61
N LEU A 749 7.20 27.56 20.63
CA LEU A 749 8.50 27.12 20.17
C LEU A 749 9.57 27.27 21.25
N GLU A 750 9.38 28.19 22.20
CA GLU A 750 10.32 28.31 23.31
C GLU A 750 10.27 27.07 24.19
N ARG A 751 9.06 26.54 24.44
CA ARG A 751 8.96 25.30 25.21
C ARG A 751 9.64 24.15 24.49
N ILE A 752 9.48 24.07 23.16
CA ILE A 752 10.09 23.00 22.39
C ILE A 752 11.61 23.09 22.48
N ARG A 753 12.15 24.31 22.39
CA ARG A 753 13.60 24.49 22.49
C ARG A 753 14.11 24.06 23.86
N THR A 754 13.42 24.45 24.93
CA THR A 754 13.85 24.06 26.26
C THR A 754 13.73 22.54 26.46
N ALA A 755 12.67 21.94 25.92
CA ALA A 755 12.52 20.49 26.01
C ALA A 755 13.65 19.79 25.27
N ALA A 756 14.00 20.28 24.08
CA ALA A 756 15.10 19.68 23.33
C ALA A 756 16.43 19.89 24.05
N ARG A 757 16.64 21.07 24.63
CA ARG A 757 17.88 21.33 25.35
C ARG A 757 18.01 20.42 26.57
N ASP A 758 16.89 20.10 27.22
CA ASP A 758 16.93 19.17 28.34
C ASP A 758 17.38 17.79 27.89
N ALA A 759 16.89 17.33 26.73
CA ALA A 759 17.26 16.04 26.17
C ALA A 759 18.60 16.05 25.45
N GLN A 760 19.28 17.20 25.39
CA GLN A 760 20.58 17.32 24.74
C GLN A 760 20.51 16.98 23.25
N ILE A 761 19.39 17.33 22.61
CA ILE A 761 19.20 17.19 21.18
C ILE A 761 19.15 18.54 20.47
N HIS A 762 19.00 19.64 21.20
CA HIS A 762 18.91 20.96 20.58
C HIS A 762 20.18 21.30 19.80
N ASP A 763 21.33 20.89 20.32
CA ASP A 763 22.59 21.18 19.64
C ASP A 763 22.63 20.53 18.26
N ARG A 764 22.17 19.28 18.15
CA ARG A 764 22.11 18.62 16.86
C ARG A 764 21.07 19.27 15.96
N ILE A 765 19.95 19.71 16.53
CA ILE A 765 18.84 20.23 15.73
C ILE A 765 19.25 21.53 15.05
N THR A 766 20.03 22.38 15.74
CA THR A 766 20.42 23.65 15.16
C THR A 766 21.30 23.48 13.92
N ARG A 767 22.04 22.37 13.83
CA ARG A 767 22.91 22.12 12.69
C ARG A 767 22.18 21.52 11.49
N MET A 768 20.93 21.12 11.65
CA MET A 768 20.16 20.62 10.52
C MET A 768 19.91 21.75 9.54
N PRO A 769 19.74 21.43 8.25
CA PRO A 769 19.63 22.52 7.25
C PRO A 769 18.40 23.39 7.42
N ASP A 770 17.25 22.79 7.73
CA ASP A 770 16.00 23.52 7.87
C ASP A 770 15.69 23.90 9.32
N GLY A 771 16.57 23.58 10.26
CA GLY A 771 16.30 23.89 11.65
C GLY A 771 15.23 22.97 12.23
N TYR A 772 14.45 23.53 13.17
CA TYR A 772 13.40 22.74 13.81
C TYR A 772 12.31 22.31 12.83
N ASP A 773 12.20 22.96 11.68
CA ASP A 773 11.19 22.59 10.69
C ASP A 773 11.60 21.41 9.81
N SER A 774 12.81 20.88 9.99
CA SER A 774 13.30 19.81 9.13
C SER A 774 12.47 18.54 9.32
N VAL A 775 12.30 17.80 8.23
CA VAL A 775 11.45 16.62 8.20
C VAL A 775 12.28 15.39 8.60
N LEU A 776 11.62 14.44 9.28
CA LEU A 776 12.28 13.24 9.80
C LEU A 776 11.69 11.97 9.21
N GLY A 777 11.50 11.94 7.89
CA GLY A 777 11.04 10.74 7.24
C GLY A 777 12.16 9.73 7.01
N ALA A 778 11.77 8.60 6.42
CA ALA A 778 12.75 7.57 6.09
C ALA A 778 13.76 8.11 5.09
N GLY A 779 15.04 7.84 5.33
CA GLY A 779 16.11 8.38 4.52
C GLY A 779 16.55 9.78 4.88
N SER A 780 15.85 10.43 5.82
CA SER A 780 16.27 11.71 6.38
C SER A 780 16.20 11.68 7.90
N ALA A 781 16.09 10.51 8.52
CA ALA A 781 15.94 10.41 9.96
C ALA A 781 17.28 10.63 10.65
N LEU A 782 17.21 10.90 11.95
CA LEU A 782 18.40 11.04 12.76
C LEU A 782 18.98 9.66 13.08
N SER A 783 20.09 9.65 13.82
CA SER A 783 20.70 8.40 14.21
C SER A 783 19.93 7.75 15.36
N GLY A 784 20.32 6.53 15.71
CA GLY A 784 19.63 5.82 16.78
C GLY A 784 19.74 6.53 18.11
N GLY A 785 20.93 7.02 18.44
CA GLY A 785 21.11 7.76 19.68
C GLY A 785 20.49 9.14 19.70
N GLU A 786 20.20 9.70 18.52
CA GLU A 786 19.62 11.03 18.42
C GLU A 786 18.09 11.02 18.31
N ARG A 787 17.53 10.06 17.57
CA ARG A 787 16.08 9.92 17.57
C ARG A 787 15.56 9.47 18.93
N GLN A 788 16.39 8.73 19.68
CA GLN A 788 16.03 8.39 21.05
C GLN A 788 15.92 9.64 21.93
N ARG A 789 16.86 10.58 21.77
CA ARG A 789 16.79 11.80 22.56
C ARG A 789 15.59 12.66 22.17
N VAL A 790 15.11 12.53 20.93
CA VAL A 790 13.90 13.23 20.52
C VAL A 790 12.70 12.70 21.31
N THR A 791 12.60 11.38 21.45
CA THR A 791 11.50 10.81 22.22
C THR A 791 11.59 11.21 23.69
N ILE A 792 12.80 11.31 24.22
CA ILE A 792 12.98 11.81 25.58
C ILE A 792 12.55 13.28 25.64
N ALA A 793 12.89 14.05 24.60
CA ALA A 793 12.42 15.44 24.55
C ALA A 793 10.91 15.50 24.47
N ARG A 794 10.29 14.56 23.75
CA ARG A 794 8.84 14.51 23.68
C ARG A 794 8.22 14.28 25.06
N ALA A 795 8.77 13.32 25.80
CA ALA A 795 8.24 13.04 27.14
C ALA A 795 8.49 14.19 28.10
N ILE A 796 9.63 14.87 27.97
CA ILE A 796 9.93 16.00 28.84
C ILE A 796 8.94 17.14 28.59
N LEU A 797 8.58 17.37 27.33
CA LEU A 797 7.63 18.42 27.02
C LEU A 797 6.23 18.10 27.54
N ALA A 798 5.87 16.81 27.60
CA ALA A 798 4.54 16.43 28.08
C ALA A 798 4.34 16.87 29.51
N ASP A 799 5.36 16.69 30.36
CA ASP A 799 5.33 17.17 31.74
C ASP A 799 4.18 16.51 32.53
N THR A 800 4.24 15.16 32.59
CA THR A 800 3.23 14.40 33.30
C THR A 800 3.61 14.21 34.76
N PRO A 801 2.66 14.11 35.69
CA PRO A 801 3.02 13.79 37.09
C PRO A 801 3.71 12.45 37.26
N VAL A 802 3.56 11.51 36.32
CA VAL A 802 4.22 10.21 36.38
C VAL A 802 4.96 10.00 35.06
N LEU A 803 6.19 9.49 35.16
CA LEU A 803 7.05 9.23 34.02
C LEU A 803 7.47 7.77 34.02
N VAL A 804 7.55 7.17 32.84
CA VAL A 804 7.94 5.77 32.66
C VAL A 804 9.00 5.74 31.56
N LEU A 805 10.26 5.54 31.95
CA LEU A 805 11.38 5.53 31.02
C LEU A 805 11.71 4.08 30.66
N ASP A 806 11.21 3.64 29.50
CA ASP A 806 11.49 2.28 29.01
C ASP A 806 12.82 2.32 28.25
N GLU A 807 13.91 2.17 29.02
CA GLU A 807 15.27 2.16 28.48
C GLU A 807 15.57 3.45 27.72
N ALA A 808 15.57 4.56 28.45
CA ALA A 808 16.20 5.77 27.96
C ALA A 808 17.71 5.60 27.98
N THR A 809 18.38 6.23 27.01
CA THR A 809 19.82 6.10 26.85
C THR A 809 20.25 4.67 26.56
N ALA A 810 19.41 3.92 25.82
CA ALA A 810 19.84 2.61 25.35
C ALA A 810 20.98 2.73 24.36
N PHE A 811 20.94 3.74 23.49
CA PHE A 811 21.97 3.99 22.49
C PHE A 811 22.87 5.17 22.81
N ALA A 812 22.57 5.93 23.85
CA ALA A 812 23.37 7.12 24.15
C ALA A 812 24.73 6.72 24.71
N ASP A 813 25.75 7.49 24.33
CA ASP A 813 27.09 7.26 24.85
C ASP A 813 27.15 7.70 26.32
N PRO A 814 28.18 7.26 27.06
CA PRO A 814 28.21 7.58 28.51
C PRO A 814 28.20 9.06 28.83
N GLU A 815 28.73 9.92 27.95
CA GLU A 815 28.72 11.35 28.22
C GLU A 815 27.34 11.95 27.97
N SER A 816 26.75 11.66 26.80
CA SER A 816 25.38 12.09 26.55
C SER A 816 24.40 11.43 27.51
N GLU A 817 24.66 10.17 27.85
CA GLU A 817 23.81 9.45 28.79
C GLU A 817 23.79 10.15 30.15
N TYR A 818 24.95 10.57 30.63
CA TYR A 818 25.01 11.27 31.91
C TYR A 818 24.27 12.59 31.87
N LEU A 819 24.40 13.34 30.77
CA LEU A 819 23.77 14.66 30.70
C LEU A 819 22.26 14.55 30.67
N VAL A 820 21.71 13.69 29.82
CA VAL A 820 20.26 13.59 29.71
C VAL A 820 19.67 13.01 30.98
N GLN A 821 20.35 12.04 31.59
CA GLN A 821 19.88 11.50 32.86
C GLN A 821 19.92 12.56 33.95
N GLN A 822 20.93 13.43 33.92
CA GLN A 822 20.96 14.56 34.86
C GLN A 822 19.78 15.49 34.64
N ALA A 823 19.45 15.76 33.37
CA ALA A 823 18.29 16.59 33.08
C ALA A 823 17.00 15.91 33.54
N ILE A 824 16.88 14.59 33.32
CA ILE A 824 15.70 13.87 33.77
C ILE A 824 15.61 13.91 35.29
N ASN A 825 16.74 13.67 35.97
CA ASN A 825 16.73 13.71 37.43
C ASN A 825 16.47 15.11 37.96
N ARG A 826 16.73 16.16 37.18
CA ARG A 826 16.35 17.50 37.60
C ARG A 826 14.85 17.71 37.51
N LEU A 827 14.23 17.21 36.44
CA LEU A 827 12.82 17.53 36.17
C LEU A 827 11.88 16.83 37.15
N THR A 828 12.18 15.57 37.51
CA THR A 828 11.19 14.66 38.07
C THR A 828 11.31 14.47 39.58
N ARG A 829 11.64 15.53 40.33
CA ARG A 829 11.77 15.37 41.78
C ARG A 829 10.40 15.17 42.43
N ASP A 830 9.41 15.95 42.04
CA ASP A 830 8.05 15.79 42.53
C ASP A 830 7.25 14.75 41.75
N ARG A 831 7.85 14.10 40.76
CA ARG A 831 7.16 13.16 39.89
C ARG A 831 7.53 11.73 40.26
N THR A 832 6.70 10.80 39.78
CA THR A 832 6.89 9.37 39.98
C THR A 832 7.55 8.80 38.73
N VAL A 833 8.70 8.15 38.93
CA VAL A 833 9.53 7.68 37.83
C VAL A 833 9.63 6.16 37.92
N LEU A 834 9.38 5.49 36.79
CA LEU A 834 9.69 4.08 36.61
C LEU A 834 10.76 3.99 35.53
N VAL A 835 11.91 3.42 35.88
CA VAL A 835 13.07 3.36 35.00
C VAL A 835 13.36 1.90 34.70
N ILE A 836 13.27 1.52 33.43
CA ILE A 836 13.72 0.22 32.96
C ILE A 836 15.10 0.42 32.37
N ALA A 837 16.09 -0.31 32.88
CA ALA A 837 17.48 -0.08 32.52
C ALA A 837 18.27 -1.37 32.56
N HIS A 838 19.09 -1.58 31.53
CA HIS A 838 20.11 -2.62 31.55
C HIS A 838 21.46 -2.10 32.01
N ARG A 839 21.71 -0.79 31.83
CA ARG A 839 22.90 -0.16 32.38
C ARG A 839 22.73 0.00 33.88
N LEU A 840 23.09 -1.02 34.66
CA LEU A 840 22.82 -1.01 36.09
C LEU A 840 23.55 0.09 36.82
N HIS A 841 24.63 0.63 36.27
CA HIS A 841 25.31 1.76 36.89
C HIS A 841 24.50 3.05 36.80
N THR A 842 23.45 3.10 35.98
CA THR A 842 22.60 4.27 35.87
C THR A 842 21.44 4.28 36.87
N ILE A 843 21.17 3.16 37.54
CA ILE A 843 20.04 3.00 38.44
C ILE A 843 20.49 2.64 39.86
N THR A 844 21.75 2.91 40.21
CA THR A 844 22.21 2.70 41.57
C THR A 844 21.62 3.72 42.54
N HIS A 845 21.20 4.89 42.05
CA HIS A 845 20.60 5.91 42.89
C HIS A 845 19.13 5.68 43.16
N ALA A 846 18.51 4.67 42.56
CA ALA A 846 17.07 4.49 42.67
C ALA A 846 16.66 4.17 44.10
N ASP A 847 15.55 4.77 44.53
CA ASP A 847 15.02 4.49 45.86
C ASP A 847 14.52 3.05 45.99
N GLN A 848 14.18 2.42 44.87
CA GLN A 848 13.60 1.08 44.89
C GLN A 848 13.99 0.38 43.59
N ILE A 849 14.86 -0.61 43.68
CA ILE A 849 15.24 -1.45 42.55
C ILE A 849 14.42 -2.73 42.60
N VAL A 850 13.71 -3.02 41.52
CA VAL A 850 12.84 -4.19 41.43
C VAL A 850 13.41 -5.13 40.38
N VAL A 851 13.78 -6.33 40.79
CA VAL A 851 14.37 -7.32 39.89
C VAL A 851 13.26 -8.23 39.39
N LEU A 852 12.98 -8.17 38.09
CA LEU A 852 11.93 -8.95 37.45
C LEU A 852 12.58 -10.07 36.65
N ASP A 853 12.24 -11.32 36.98
CA ASP A 853 12.79 -12.49 36.33
C ASP A 853 11.66 -13.44 35.98
N ASP A 854 11.53 -13.76 34.69
CA ASP A 854 10.53 -14.70 34.21
C ASP A 854 9.11 -14.26 34.58
N GLY A 855 8.87 -12.95 34.58
CA GLY A 855 7.54 -12.42 34.80
C GLY A 855 7.11 -12.30 36.23
N ARG A 856 8.00 -12.53 37.20
CA ARG A 856 7.66 -12.42 38.61
C ARG A 856 8.82 -11.80 39.36
N ILE A 857 8.50 -10.86 40.26
CA ILE A 857 9.54 -10.22 41.05
C ILE A 857 10.23 -11.25 41.93
N VAL A 858 11.55 -11.17 41.98
CA VAL A 858 12.36 -12.11 42.77
C VAL A 858 13.13 -11.44 43.89
N GLU A 859 13.26 -10.12 43.89
CA GLU A 859 13.90 -9.41 45.00
C GLU A 859 13.74 -7.91 44.78
N VAL A 860 13.62 -7.17 45.89
CA VAL A 860 13.42 -5.73 45.87
C VAL A 860 14.28 -5.10 46.96
N GLY A 861 14.75 -3.89 46.69
CA GLY A 861 15.53 -3.16 47.66
C GLY A 861 16.40 -2.12 46.98
N THR A 862 17.28 -1.52 47.78
CA THR A 862 18.22 -0.54 47.27
C THR A 862 19.44 -1.25 46.66
N HIS A 863 20.31 -0.45 46.03
CA HIS A 863 21.47 -1.02 45.36
C HIS A 863 22.38 -1.76 46.32
N ASP A 864 22.67 -1.15 47.47
CA ASP A 864 23.52 -1.80 48.46
C ASP A 864 22.84 -3.06 49.03
N GLU A 865 21.54 -3.00 49.26
CA GLU A 865 20.83 -4.16 49.79
C GLU A 865 20.86 -5.32 48.82
N LEU A 866 20.63 -5.06 47.53
CA LEU A 866 20.63 -6.14 46.55
C LEU A 866 22.01 -6.79 46.42
N LEU A 867 23.07 -5.99 46.40
CA LEU A 867 24.41 -6.56 46.31
C LEU A 867 24.74 -7.39 47.55
N ALA A 868 24.38 -6.87 48.74
CA ALA A 868 24.64 -7.62 49.96
C ALA A 868 23.83 -8.92 50.00
N ALA A 869 22.63 -8.92 49.44
CA ALA A 869 21.82 -10.13 49.43
C ALA A 869 22.44 -11.22 48.56
N GLY A 870 23.20 -10.84 47.54
CA GLY A 870 23.81 -11.83 46.67
C GLY A 870 22.85 -12.54 45.74
N GLY A 871 21.69 -11.95 45.44
CA GLY A 871 20.71 -12.56 44.58
C GLY A 871 21.06 -12.44 43.12
N ARG A 872 20.03 -12.41 42.26
CA ARG A 872 20.25 -12.32 40.83
C ARG A 872 20.89 -10.98 40.45
N TYR A 873 20.60 -9.92 41.20
CA TYR A 873 21.20 -8.62 40.90
C TYR A 873 22.71 -8.66 41.07
N ARG A 874 23.20 -9.38 42.08
CA ARG A 874 24.64 -9.53 42.25
C ARG A 874 25.26 -10.24 41.04
N GLY A 875 24.59 -11.26 40.52
CA GLY A 875 25.10 -11.94 39.35
C GLY A 875 25.16 -11.04 38.13
N LEU A 876 24.09 -10.29 37.88
CA LEU A 876 24.09 -9.38 36.74
C LEU A 876 25.09 -8.25 36.93
N TRP A 877 25.22 -7.72 38.15
CA TRP A 877 26.20 -6.67 38.40
C TRP A 877 27.62 -7.18 38.18
N ASP A 878 27.91 -8.40 38.64
CA ASP A 878 29.23 -8.98 38.39
C ASP A 878 29.47 -9.17 36.90
N SER A 879 28.45 -9.65 36.17
CA SER A 879 28.60 -9.86 34.74
C SER A 879 28.83 -8.56 33.97
N GLY A 880 28.39 -7.43 34.52
CA GLY A 880 28.58 -6.16 33.84
C GLY A 880 30.02 -5.68 33.83
N ARG A 881 30.84 -6.16 34.75
CA ARG A 881 32.23 -5.71 34.84
C ARG A 881 33.05 -6.25 33.68
N ILE B 2 -1.19 5.99 -23.39
CA ILE B 2 -0.72 4.79 -24.15
C ILE B 2 0.78 4.88 -24.41
N ARG B 3 1.30 6.10 -24.54
CA ARG B 3 2.72 6.27 -24.85
C ARG B 3 3.60 5.70 -23.75
N THR B 4 3.25 5.93 -22.48
CA THR B 4 4.08 5.46 -21.38
C THR B 4 4.08 3.94 -21.29
N LEU B 5 3.03 3.27 -21.76
CA LEU B 5 2.96 1.82 -21.65
C LEU B 5 4.03 1.15 -22.51
N LEU B 6 4.30 1.69 -23.71
CA LEU B 6 5.27 1.06 -24.59
C LEU B 6 6.67 1.05 -23.97
N ARG B 7 6.97 2.03 -23.11
CA ARG B 7 8.26 2.04 -22.45
C ARG B 7 8.39 0.87 -21.47
N LEU B 8 7.31 0.55 -20.75
CA LEU B 8 7.34 -0.53 -19.78
C LEU B 8 7.30 -1.92 -20.41
N VAL B 9 6.82 -2.03 -21.65
CA VAL B 9 6.74 -3.35 -22.28
C VAL B 9 8.14 -3.91 -22.48
N PRO B 10 8.41 -5.19 -22.19
CA PRO B 10 9.74 -5.72 -22.48
C PRO B 10 10.00 -5.78 -23.98
N ALA B 11 11.29 -5.76 -24.33
CA ALA B 11 11.67 -5.96 -25.72
C ALA B 11 11.30 -7.35 -26.21
N GLU B 12 11.13 -8.33 -25.31
CA GLU B 12 10.68 -9.64 -25.70
C GLU B 12 9.27 -9.58 -26.30
N LYS B 13 8.39 -8.82 -25.67
CA LYS B 13 6.97 -8.82 -26.00
C LYS B 13 6.60 -7.79 -27.06
N ARG B 14 7.58 -7.11 -27.66
CA ARG B 14 7.27 -6.17 -28.72
C ARG B 14 6.62 -6.85 -29.91
N GLY B 15 6.95 -8.12 -30.15
CA GLY B 15 6.29 -8.86 -31.21
C GLY B 15 4.80 -9.04 -30.97
N ALA B 16 4.40 -9.23 -29.71
CA ALA B 16 2.99 -9.38 -29.39
C ALA B 16 2.25 -8.05 -29.43
N VAL B 17 2.93 -6.95 -29.09
CA VAL B 17 2.31 -5.63 -29.15
C VAL B 17 1.92 -5.29 -30.58
N ALA B 18 2.82 -5.56 -31.53
CA ALA B 18 2.51 -5.29 -32.93
C ALA B 18 1.32 -6.14 -33.39
N GLY B 19 1.29 -7.41 -32.99
CA GLY B 19 0.13 -8.23 -33.27
C GLY B 19 -1.12 -7.71 -32.58
N TYR B 20 -0.97 -7.22 -31.36
CA TYR B 20 -2.10 -6.65 -30.64
C TYR B 20 -2.65 -5.42 -31.36
N ALA B 21 -1.76 -4.53 -31.81
CA ALA B 21 -2.22 -3.31 -32.48
C ALA B 21 -2.88 -3.63 -33.81
N VAL B 22 -2.32 -4.57 -34.57
CA VAL B 22 -2.93 -4.95 -35.84
C VAL B 22 -4.31 -5.55 -35.62
N LEU B 23 -4.45 -6.41 -34.61
CA LEU B 23 -5.74 -7.02 -34.33
C LEU B 23 -6.74 -5.99 -33.79
N THR B 24 -6.27 -5.03 -32.98
CA THR B 24 -7.19 -4.01 -32.47
C THR B 24 -7.72 -3.14 -33.60
N LEU B 25 -6.85 -2.73 -34.52
CA LEU B 25 -7.31 -1.97 -35.68
C LEU B 25 -8.22 -2.81 -36.56
N LEU B 26 -7.88 -4.09 -36.76
CA LEU B 26 -8.74 -4.97 -37.54
C LEU B 26 -10.09 -5.15 -36.86
N SER B 27 -10.10 -5.26 -35.53
CA SER B 27 -11.35 -5.41 -34.80
C SER B 27 -12.25 -4.19 -35.00
N VAL B 28 -11.68 -3.00 -34.93
CA VAL B 28 -12.46 -1.77 -35.08
C VAL B 28 -13.00 -1.68 -36.51
N LEU B 29 -12.19 -2.07 -37.50
CA LEU B 29 -12.67 -2.05 -38.88
C LEU B 29 -13.84 -3.00 -39.08
N LEU B 30 -13.75 -4.21 -38.50
CA LEU B 30 -14.85 -5.17 -38.66
C LEU B 30 -16.11 -4.68 -37.96
N ARG B 31 -15.98 -4.05 -36.80
CA ARG B 31 -17.15 -3.51 -36.12
C ARG B 31 -17.80 -2.40 -36.95
N ALA B 32 -16.98 -1.52 -37.54
CA ALA B 32 -17.54 -0.46 -38.39
C ALA B 32 -18.19 -1.04 -39.63
N VAL B 33 -17.54 -2.02 -40.27
CA VAL B 33 -18.11 -2.62 -41.47
C VAL B 33 -19.38 -3.39 -41.12
N GLY B 34 -19.41 -4.02 -39.94
CA GLY B 34 -20.63 -4.69 -39.51
C GLY B 34 -21.77 -3.73 -39.29
N ALA B 35 -21.48 -2.57 -38.71
CA ALA B 35 -22.53 -1.56 -38.52
C ALA B 35 -22.97 -0.97 -39.84
N VAL B 36 -22.03 -0.67 -40.74
CA VAL B 36 -22.39 -0.03 -42.00
C VAL B 36 -22.96 -1.02 -43.01
N LEU B 37 -22.66 -2.31 -42.88
CA LEU B 37 -23.28 -3.30 -43.76
C LEU B 37 -24.79 -3.37 -43.57
N LEU B 38 -25.29 -2.89 -42.43
CA LEU B 38 -26.74 -2.83 -42.22
C LEU B 38 -27.42 -1.94 -43.26
N ILE B 39 -26.72 -0.92 -43.77
CA ILE B 39 -27.34 0.05 -44.67
C ILE B 39 -27.63 -0.62 -46.02
N PRO B 40 -26.68 -1.27 -46.67
CA PRO B 40 -27.06 -2.10 -47.84
C PRO B 40 -28.06 -3.19 -47.49
N LEU B 41 -27.95 -3.77 -46.30
CA LEU B 41 -28.81 -4.90 -45.94
C LEU B 41 -30.28 -4.48 -45.89
N LEU B 42 -30.58 -3.40 -45.14
CA LEU B 42 -31.97 -2.96 -45.03
C LEU B 42 -32.43 -2.29 -46.32
N ALA B 43 -31.52 -1.70 -47.09
CA ALA B 43 -31.89 -1.13 -48.37
C ALA B 43 -32.43 -2.20 -49.31
N ALA B 44 -31.79 -3.37 -49.33
CA ALA B 44 -32.28 -4.48 -50.13
C ALA B 44 -33.47 -5.17 -49.47
N LEU B 45 -33.51 -5.20 -48.14
CA LEU B 45 -34.57 -5.93 -47.43
C LEU B 45 -35.94 -5.31 -47.69
N PHE B 46 -36.01 -3.98 -47.74
CA PHE B 46 -37.27 -3.30 -48.00
C PHE B 46 -37.62 -3.20 -49.48
N SER B 47 -36.72 -3.60 -50.38
CA SER B 47 -36.98 -3.51 -51.80
C SER B 47 -38.03 -4.54 -52.21
N ASP B 48 -38.43 -4.47 -53.48
CA ASP B 48 -39.36 -5.45 -54.03
C ASP B 48 -38.74 -6.82 -54.24
N THR B 49 -37.42 -6.94 -54.11
CA THR B 49 -36.71 -8.22 -54.24
C THR B 49 -35.88 -8.43 -52.98
N PRO B 50 -36.52 -8.77 -51.86
CA PRO B 50 -35.78 -8.91 -50.60
C PRO B 50 -34.76 -10.03 -50.60
N SER B 51 -34.83 -10.96 -51.56
CA SER B 51 -33.85 -12.03 -51.62
C SER B 51 -32.44 -11.53 -51.90
N ASP B 52 -32.29 -10.30 -52.40
CA ASP B 52 -30.96 -9.72 -52.56
C ASP B 52 -30.26 -9.50 -51.23
N ALA B 53 -30.99 -9.47 -50.12
CA ALA B 53 -30.39 -9.23 -48.81
C ALA B 53 -29.55 -10.41 -48.33
N TRP B 54 -29.65 -11.58 -48.96
CA TRP B 54 -28.84 -12.72 -48.55
C TRP B 54 -27.36 -12.45 -48.77
N LEU B 55 -27.02 -11.73 -49.84
CA LEU B 55 -25.62 -11.39 -50.09
C LEU B 55 -25.07 -10.55 -48.95
N TRP B 56 -25.82 -9.53 -48.52
CA TRP B 56 -25.32 -8.64 -47.48
C TRP B 56 -25.39 -9.28 -46.10
N LEU B 57 -26.37 -10.16 -45.86
CA LEU B 57 -26.42 -10.87 -44.59
C LEU B 57 -25.23 -11.81 -44.46
N GLY B 58 -24.81 -12.43 -45.57
CA GLY B 58 -23.62 -13.28 -45.52
C GLY B 58 -22.37 -12.51 -45.15
N TRP B 59 -22.20 -11.33 -45.74
CA TRP B 59 -21.06 -10.48 -45.36
C TRP B 59 -21.17 -10.03 -43.91
N LEU B 60 -22.39 -9.73 -43.44
CA LEU B 60 -22.57 -9.37 -42.04
C LEU B 60 -22.19 -10.53 -41.13
N THR B 61 -22.61 -11.75 -41.48
CA THR B 61 -22.25 -12.91 -40.67
C THR B 61 -20.76 -13.16 -40.69
N ALA B 62 -20.13 -13.07 -41.86
CA ALA B 62 -18.69 -13.29 -41.95
C ALA B 62 -17.93 -12.24 -41.16
N VAL B 63 -18.37 -10.98 -41.23
CA VAL B 63 -17.72 -9.92 -40.45
C VAL B 63 -17.94 -10.16 -38.96
N THR B 64 -19.11 -10.66 -38.58
CA THR B 64 -19.40 -10.88 -37.17
C THR B 64 -18.55 -12.01 -36.60
N LEU B 65 -18.48 -13.14 -37.29
CA LEU B 65 -17.66 -14.25 -36.79
C LEU B 65 -16.18 -13.87 -36.77
N ALA B 66 -15.73 -13.17 -37.80
CA ALA B 66 -14.37 -12.62 -37.78
C ALA B 66 -14.20 -11.63 -36.64
N GLY B 67 -15.27 -10.94 -36.27
CA GLY B 67 -15.20 -10.07 -35.09
C GLY B 67 -15.03 -10.85 -33.80
N TRP B 68 -15.71 -11.99 -33.69
CA TRP B 68 -15.56 -12.83 -32.51
C TRP B 68 -14.13 -13.37 -32.37
N VAL B 69 -13.56 -13.86 -33.48
CA VAL B 69 -12.21 -14.43 -33.44
C VAL B 69 -11.18 -13.35 -33.11
N THR B 70 -11.27 -12.20 -33.76
CA THR B 70 -10.27 -11.16 -33.57
C THR B 70 -10.33 -10.59 -32.16
N ASP B 71 -11.52 -10.31 -31.66
CA ASP B 71 -11.67 -9.71 -30.35
C ASP B 71 -11.34 -10.69 -29.23
N THR B 72 -11.53 -11.98 -29.47
CA THR B 72 -11.07 -13.00 -28.52
C THR B 72 -9.54 -13.08 -28.50
N ASN B 73 -8.91 -13.03 -29.68
CA ASN B 73 -7.45 -13.03 -29.72
C ASN B 73 -6.86 -11.72 -29.19
N THR B 74 -7.53 -10.59 -29.43
CA THR B 74 -7.10 -9.34 -28.84
C THR B 74 -7.18 -9.40 -27.32
N ALA B 75 -8.24 -10.01 -26.79
CA ALA B 75 -8.34 -10.19 -25.35
C ALA B 75 -7.24 -11.10 -24.82
N ARG B 76 -6.95 -12.19 -25.53
CA ARG B 76 -5.88 -13.09 -25.10
C ARG B 76 -4.53 -12.39 -25.15
N LEU B 77 -4.25 -11.67 -26.23
CA LEU B 77 -2.99 -10.93 -26.32
C LEU B 77 -2.93 -9.79 -25.31
N GLY B 78 -4.06 -9.12 -25.10
CA GLY B 78 -4.07 -8.07 -24.08
C GLY B 78 -3.85 -8.63 -22.68
N PHE B 79 -4.41 -9.81 -22.41
CA PHE B 79 -4.17 -10.46 -21.13
C PHE B 79 -2.70 -10.80 -20.96
N ASP B 80 -2.08 -11.38 -21.99
CA ASP B 80 -0.67 -11.72 -21.91
C ASP B 80 0.21 -10.48 -21.79
N LEU B 81 -0.10 -9.44 -22.57
CA LEU B 81 0.68 -8.20 -22.51
C LEU B 81 0.56 -7.55 -21.13
N GLY B 82 -0.64 -7.54 -20.56
CA GLY B 82 -0.83 -6.92 -19.26
C GLY B 82 -0.06 -7.63 -18.16
N PHE B 83 -0.12 -8.97 -18.14
CA PHE B 83 0.64 -9.71 -17.16
C PHE B 83 2.13 -9.73 -17.49
N ALA B 84 2.49 -9.73 -18.77
CA ALA B 84 3.90 -9.66 -19.15
C ALA B 84 4.52 -8.36 -18.68
N VAL B 85 3.79 -7.25 -18.85
CA VAL B 85 4.25 -5.96 -18.32
C VAL B 85 4.33 -6.02 -16.80
N LEU B 86 3.31 -6.63 -16.17
CA LEU B 86 3.28 -6.70 -14.71
C LEU B 86 4.44 -7.51 -14.16
N SER B 87 4.66 -8.71 -14.68
CA SER B 87 5.70 -9.58 -14.16
C SER B 87 7.09 -8.97 -14.35
N ARG B 88 7.35 -8.42 -15.53
CA ARG B 88 8.68 -7.90 -15.81
C ARG B 88 8.96 -6.60 -15.05
N THR B 89 7.97 -5.70 -14.98
CA THR B 89 8.22 -4.45 -14.28
C THR B 89 8.32 -4.65 -12.78
N GLN B 90 7.56 -5.60 -12.22
CA GLN B 90 7.65 -5.87 -10.79
C GLN B 90 8.97 -6.57 -10.44
N HIS B 91 9.43 -7.50 -11.29
CA HIS B 91 10.72 -8.11 -11.06
C HIS B 91 11.84 -7.10 -11.22
N ASP B 92 11.73 -6.18 -12.19
CA ASP B 92 12.74 -5.14 -12.34
C ASP B 92 12.77 -4.23 -11.11
N MET B 93 11.61 -3.86 -10.59
CA MET B 93 11.58 -3.06 -9.37
C MET B 93 12.15 -3.85 -8.20
N ALA B 94 11.85 -5.14 -8.12
CA ALA B 94 12.39 -5.96 -7.04
C ALA B 94 13.89 -6.17 -7.18
N ASP B 95 14.38 -6.29 -8.43
CA ASP B 95 15.81 -6.50 -8.65
C ASP B 95 16.60 -5.21 -8.62
N ARG B 96 15.98 -4.07 -8.92
CA ARG B 96 16.69 -2.80 -8.97
C ARG B 96 16.75 -2.13 -7.60
N LEU B 97 15.67 -2.18 -6.83
CA LEU B 97 15.60 -1.45 -5.57
C LEU B 97 16.72 -1.78 -4.59
N PRO B 98 17.12 -3.05 -4.39
CA PRO B 98 18.29 -3.29 -3.54
C PRO B 98 19.56 -2.64 -4.04
N ASN B 99 19.69 -2.41 -5.35
CA ASN B 99 20.82 -1.72 -5.92
C ASN B 99 20.65 -0.21 -5.96
N VAL B 100 19.44 0.30 -5.68
CA VAL B 100 19.23 1.75 -5.66
C VAL B 100 20.04 2.36 -4.53
N ALA B 101 20.52 3.58 -4.74
CA ALA B 101 21.32 4.27 -3.74
C ALA B 101 20.52 4.49 -2.47
N MET B 102 21.23 4.52 -1.35
CA MET B 102 20.56 4.64 -0.04
C MET B 102 19.84 5.98 0.09
N SER B 103 20.44 7.05 -0.42
CA SER B 103 19.85 8.38 -0.30
C SER B 103 18.58 8.54 -1.11
N TRP B 104 18.28 7.63 -2.04
CA TRP B 104 17.08 7.77 -2.86
C TRP B 104 15.80 7.59 -2.05
N PHE B 105 15.86 6.86 -0.94
CA PHE B 105 14.66 6.49 -0.18
C PHE B 105 14.22 7.63 0.74
N THR B 106 13.87 8.75 0.12
CA THR B 106 13.25 9.85 0.83
C THR B 106 11.82 9.46 1.20
N PRO B 107 11.19 10.14 2.17
CA PRO B 107 9.81 9.76 2.53
C PRO B 107 8.84 9.84 1.36
N ASP B 108 9.01 10.81 0.47
CA ASP B 108 8.19 10.86 -0.73
C ASP B 108 8.56 9.75 -1.70
N ASN B 109 9.86 9.49 -1.87
CA ASN B 109 10.29 8.41 -2.77
C ASN B 109 9.93 7.04 -2.19
N THR B 110 10.07 6.87 -0.87
CA THR B 110 9.68 5.62 -0.26
C THR B 110 8.18 5.40 -0.42
N ALA B 111 7.39 6.47 -0.31
CA ALA B 111 5.96 6.37 -0.60
C ALA B 111 5.72 5.97 -2.05
N THR B 112 6.49 6.55 -2.97
CA THR B 112 6.35 6.19 -4.38
C THR B 112 6.69 4.73 -4.61
N ALA B 113 7.77 4.25 -3.99
CA ALA B 113 8.16 2.85 -4.14
C ALA B 113 7.08 1.92 -3.59
N ARG B 114 6.51 2.27 -2.43
CA ARG B 114 5.47 1.44 -1.84
C ARG B 114 4.23 1.39 -2.74
N GLN B 115 3.83 2.52 -3.29
CA GLN B 115 2.65 2.54 -4.17
C GLN B 115 2.91 1.75 -5.46
N ALA B 116 4.12 1.86 -6.01
CA ALA B 116 4.43 1.13 -7.23
C ALA B 116 4.37 -0.38 -7.01
N ILE B 117 4.96 -0.86 -5.90
CA ILE B 117 4.90 -2.27 -5.59
C ILE B 117 3.47 -2.68 -5.24
N ALA B 118 2.74 -1.79 -4.57
CA ALA B 118 1.36 -2.06 -4.18
C ALA B 118 0.41 -2.12 -5.38
N ALA B 119 0.84 -1.66 -6.55
CA ALA B 119 0.04 -1.76 -7.77
C ALA B 119 0.02 -3.16 -8.37
N THR B 120 0.56 -4.19 -7.70
CA THR B 120 0.60 -5.54 -8.25
C THR B 120 -0.79 -6.18 -8.39
N GLY B 121 -1.81 -5.60 -7.78
CA GLY B 121 -3.14 -6.17 -7.79
C GLY B 121 -3.72 -6.36 -9.17
N PRO B 122 -4.92 -6.94 -9.25
CA PRO B 122 -5.50 -7.25 -10.56
C PRO B 122 -5.85 -6.03 -11.40
N GLU B 123 -5.99 -4.85 -10.80
CA GLU B 123 -6.32 -3.66 -11.58
C GLU B 123 -5.22 -3.33 -12.58
N LEU B 124 -3.95 -3.45 -12.18
CA LEU B 124 -2.85 -3.22 -13.10
C LEU B 124 -2.64 -4.39 -14.05
N ALA B 125 -2.97 -5.60 -13.61
CA ALA B 125 -2.71 -6.79 -14.41
C ALA B 125 -3.55 -6.80 -15.68
N GLY B 126 -4.86 -6.62 -15.54
CA GLY B 126 -5.76 -6.60 -16.68
C GLY B 126 -5.96 -5.23 -17.28
N LEU B 127 -4.91 -4.39 -17.23
CA LEU B 127 -5.03 -3.02 -17.72
C LEU B 127 -5.32 -3.00 -19.22
N VAL B 128 -4.60 -3.82 -20.00
CA VAL B 128 -4.73 -3.77 -21.45
C VAL B 128 -6.12 -4.21 -21.89
N VAL B 129 -6.78 -5.08 -21.12
CA VAL B 129 -8.13 -5.52 -21.44
C VAL B 129 -9.17 -4.59 -20.82
N ASN B 130 -8.90 -4.07 -19.61
CA ASN B 130 -9.87 -3.22 -18.94
C ASN B 130 -9.93 -1.84 -19.57
N LEU B 131 -8.78 -1.25 -19.89
CA LEU B 131 -8.71 0.15 -20.30
C LEU B 131 -8.31 0.33 -21.77
N LEU B 132 -7.15 -0.19 -22.20
CA LEU B 132 -6.63 0.16 -23.52
C LEU B 132 -7.49 -0.42 -24.63
N THR B 133 -7.88 -1.70 -24.52
CA THR B 133 -8.67 -2.32 -25.58
C THR B 133 -10.02 -1.62 -25.78
N PRO B 134 -10.83 -1.37 -24.75
CA PRO B 134 -12.07 -0.61 -24.99
C PRO B 134 -11.84 0.87 -25.27
N LEU B 135 -10.81 1.47 -24.69
CA LEU B 135 -10.54 2.88 -24.97
C LEU B 135 -10.16 3.08 -26.44
N ILE B 136 -9.26 2.25 -26.96
CA ILE B 136 -8.90 2.33 -28.37
C ILE B 136 -10.09 1.98 -29.25
N GLY B 137 -10.86 0.97 -28.86
CA GLY B 137 -12.02 0.60 -29.65
C GLY B 137 -13.07 1.70 -29.70
N ALA B 138 -13.39 2.28 -28.53
CA ALA B 138 -14.41 3.32 -28.49
C ALA B 138 -13.95 4.57 -29.22
N ALA B 139 -12.66 4.91 -29.12
CA ALA B 139 -12.16 6.12 -29.76
C ALA B 139 -12.15 5.98 -31.28
N LEU B 140 -11.79 4.81 -31.80
CA LEU B 140 -11.66 4.61 -33.23
C LEU B 140 -12.93 4.12 -33.91
N LEU B 141 -13.90 3.63 -33.15
CA LEU B 141 -15.14 3.14 -33.77
C LEU B 141 -15.90 4.23 -34.51
N PRO B 142 -16.23 5.38 -33.92
CA PRO B 142 -16.96 6.39 -34.70
C PRO B 142 -16.17 6.93 -35.88
N ALA B 143 -14.84 7.01 -35.75
CA ALA B 143 -14.03 7.36 -36.90
C ALA B 143 -14.12 6.30 -37.99
N ALA B 144 -14.05 5.02 -37.60
CA ALA B 144 -14.13 3.95 -38.57
C ALA B 144 -15.49 3.90 -39.25
N ILE B 145 -16.56 4.15 -38.49
CA ILE B 145 -17.89 4.23 -39.10
C ILE B 145 -17.95 5.42 -40.04
N GLY B 146 -17.35 6.55 -39.66
CA GLY B 146 -17.35 7.71 -40.53
C GLY B 146 -16.61 7.46 -41.82
N VAL B 147 -15.47 6.78 -41.76
CA VAL B 147 -14.75 6.42 -42.97
C VAL B 147 -15.54 5.43 -43.81
N ALA B 148 -16.20 4.48 -43.16
CA ALA B 148 -16.96 3.48 -43.90
C ALA B 148 -18.18 4.08 -44.57
N LEU B 149 -18.81 5.07 -43.95
CA LEU B 149 -19.99 5.71 -44.55
C LEU B 149 -19.66 6.42 -45.86
N LEU B 150 -18.39 6.76 -46.09
CA LEU B 150 -18.02 7.45 -47.33
C LEU B 150 -18.33 6.59 -48.55
N PHE B 151 -18.21 5.27 -48.44
CA PHE B 151 -18.55 4.40 -49.56
C PHE B 151 -20.03 4.48 -49.90
N VAL B 152 -20.88 4.74 -48.90
CA VAL B 152 -22.31 4.88 -49.16
C VAL B 152 -22.63 6.30 -49.64
N SER B 153 -22.11 7.30 -48.94
CA SER B 153 -22.34 8.69 -49.31
C SER B 153 -21.22 9.54 -48.73
N VAL B 154 -20.50 10.26 -49.60
CA VAL B 154 -19.35 11.04 -49.14
C VAL B 154 -19.74 12.12 -48.14
N PRO B 155 -20.71 13.00 -48.41
CA PRO B 155 -21.04 14.03 -47.40
C PRO B 155 -21.54 13.45 -46.09
N LEU B 156 -22.22 12.31 -46.12
CA LEU B 156 -22.67 11.69 -44.87
C LEU B 156 -21.49 11.22 -44.04
N GLY B 157 -20.50 10.58 -44.67
CA GLY B 157 -19.30 10.18 -43.94
C GLY B 157 -18.52 11.36 -43.42
N LEU B 158 -18.48 12.46 -44.18
CA LEU B 158 -17.82 13.66 -43.71
C LEU B 158 -18.52 14.21 -42.46
N ALA B 159 -19.85 14.15 -42.43
CA ALA B 159 -20.58 14.60 -41.25
C ALA B 159 -20.25 13.75 -40.04
N ALA B 160 -20.13 12.43 -40.23
CA ALA B 160 -19.73 11.56 -39.12
C ALA B 160 -18.32 11.89 -38.65
N LEU B 161 -17.41 12.14 -39.59
CA LEU B 161 -16.04 12.50 -39.23
C LEU B 161 -16.02 13.84 -38.49
N ALA B 162 -16.86 14.78 -38.90
CA ALA B 162 -16.98 16.03 -38.17
C ALA B 162 -17.47 15.79 -36.75
N GLY B 163 -18.42 14.86 -36.58
CA GLY B 163 -18.83 14.47 -35.25
C GLY B 163 -17.71 13.83 -34.45
N VAL B 164 -16.80 13.15 -35.13
CA VAL B 164 -15.64 12.57 -34.44
C VAL B 164 -14.69 13.67 -33.97
N ALA B 165 -14.62 14.78 -34.71
CA ALA B 165 -13.72 15.87 -34.32
C ALA B 165 -14.09 16.44 -32.97
N VAL B 166 -15.38 16.67 -32.73
CA VAL B 166 -15.80 17.19 -31.43
C VAL B 166 -15.58 16.15 -30.33
N LEU B 167 -15.64 14.87 -30.67
CA LEU B 167 -15.40 13.83 -29.67
C LEU B 167 -13.99 13.92 -29.12
N PHE B 168 -12.99 13.97 -30.00
CA PHE B 168 -11.62 14.13 -29.54
C PHE B 168 -11.43 15.48 -28.86
N GLY B 169 -12.14 16.51 -29.33
CA GLY B 169 -12.08 17.79 -28.66
C GLY B 169 -12.62 17.74 -27.25
N ALA B 170 -13.76 17.06 -27.06
CA ALA B 170 -14.31 16.88 -25.72
C ALA B 170 -13.37 16.02 -24.86
N LEU B 171 -12.78 14.98 -25.46
CA LEU B 171 -11.85 14.13 -24.72
C LEU B 171 -10.64 14.94 -24.24
N ALA B 172 -10.08 15.77 -25.11
CA ALA B 172 -8.92 16.57 -24.72
C ALA B 172 -9.27 17.58 -23.63
N LEU B 173 -10.37 18.31 -23.79
CA LEU B 173 -10.74 19.32 -22.80
C LEU B 173 -11.11 18.66 -21.47
N SER B 174 -11.79 17.52 -21.50
CA SER B 174 -12.11 16.81 -20.27
C SER B 174 -10.84 16.40 -19.54
N GLY B 175 -9.85 15.90 -20.28
CA GLY B 175 -8.58 15.55 -19.66
C GLY B 175 -7.87 16.75 -19.07
N ARG B 176 -7.78 17.85 -19.83
CA ARG B 176 -7.05 19.02 -19.36
C ARG B 176 -7.73 19.68 -18.17
N LEU B 177 -9.06 19.67 -18.12
CA LEU B 177 -9.76 20.30 -17.01
C LEU B 177 -9.61 19.50 -15.73
N SER B 178 -9.71 18.18 -15.81
CA SER B 178 -9.70 17.32 -14.64
C SER B 178 -8.31 16.84 -14.25
N ARG B 179 -7.26 17.18 -15.00
CA ARG B 179 -5.92 16.71 -14.68
C ARG B 179 -5.44 17.26 -13.34
N ALA B 180 -5.60 18.56 -13.11
CA ALA B 180 -5.07 19.18 -11.90
C ALA B 180 -5.76 18.62 -10.66
N ALA B 181 -7.09 18.50 -10.70
CA ALA B 181 -7.81 17.94 -9.56
C ALA B 181 -7.44 16.49 -9.31
N ASP B 182 -7.30 15.71 -10.38
CA ASP B 182 -6.94 14.30 -10.21
C ASP B 182 -5.53 14.15 -9.68
N LYS B 183 -4.60 15.01 -10.12
CA LYS B 183 -3.24 14.97 -9.59
C LYS B 183 -3.22 15.24 -8.09
N VAL B 184 -3.99 16.24 -7.66
CA VAL B 184 -4.05 16.55 -6.22
C VAL B 184 -4.75 15.42 -5.48
N ALA B 185 -5.77 14.81 -6.08
CA ALA B 185 -6.45 13.68 -5.44
C ALA B 185 -5.51 12.50 -5.27
N GLY B 186 -4.68 12.23 -6.27
CA GLY B 186 -3.70 11.15 -6.14
C GLY B 186 -2.65 11.44 -5.09
N GLU B 187 -2.18 12.70 -5.03
CA GLU B 187 -1.19 13.06 -4.01
C GLU B 187 -1.75 12.91 -2.61
N THR B 188 -2.97 13.40 -2.37
CA THR B 188 -3.56 13.30 -1.04
C THR B 188 -3.87 11.86 -0.67
N ASN B 189 -4.29 11.05 -1.64
CA ASN B 189 -4.55 9.64 -1.36
C ASN B 189 -3.27 8.92 -0.95
N SER B 190 -2.16 9.23 -1.62
CA SER B 190 -0.87 8.64 -1.23
C SER B 190 -0.47 9.11 0.16
N ALA B 191 -0.72 10.38 0.48
CA ALA B 191 -0.39 10.89 1.80
C ALA B 191 -1.19 10.18 2.89
N PHE B 192 -2.47 9.92 2.63
CA PHE B 192 -3.30 9.23 3.61
C PHE B 192 -2.79 7.82 3.84
N THR B 193 -2.35 7.14 2.78
CA THR B 193 -1.80 5.79 2.92
C THR B 193 -0.58 5.78 3.83
N GLU B 194 0.32 6.74 3.64
CA GLU B 194 1.54 6.79 4.45
C GLU B 194 1.23 7.07 5.91
N ARG B 195 0.21 7.89 6.17
CA ARG B 195 -0.15 8.19 7.55
C ARG B 195 -0.86 7.02 8.22
N ILE B 196 -1.60 6.23 7.46
CA ILE B 196 -2.18 5.00 8.02
C ILE B 196 -1.08 4.04 8.42
N ILE B 197 -0.07 3.89 7.56
CA ILE B 197 1.05 3.00 7.87
C ILE B 197 1.77 3.48 9.12
N GLU B 198 2.01 4.79 9.21
CA GLU B 198 2.59 5.36 10.41
C GLU B 198 1.66 5.19 11.60
N PHE B 199 0.36 5.35 11.39
CA PHE B 199 -0.60 5.22 12.47
C PHE B 199 -0.56 3.82 13.09
N ALA B 200 -0.47 2.79 12.25
CA ALA B 200 -0.39 1.43 12.77
C ALA B 200 0.97 1.11 13.36
N ARG B 201 2.04 1.66 12.79
CA ARG B 201 3.38 1.33 13.26
C ARG B 201 3.74 2.09 14.54
N THR B 202 3.40 3.38 14.61
CA THR B 202 3.72 4.23 15.75
C THR B 202 2.57 4.28 16.76
N GLN B 203 1.77 3.21 16.83
CA GLN B 203 0.55 3.26 17.62
C GLN B 203 0.84 3.46 19.11
N GLN B 204 1.94 2.88 19.59
CA GLN B 204 2.30 3.05 21.00
C GLN B 204 2.57 4.51 21.33
N ALA B 205 3.44 5.16 20.55
CA ALA B 205 3.84 6.54 20.84
C ALA B 205 2.72 7.53 20.56
N LEU B 206 1.90 7.29 19.54
CA LEU B 206 0.78 8.18 19.26
C LEU B 206 -0.23 8.17 20.41
N ARG B 207 -0.55 6.98 20.92
CA ARG B 207 -1.51 6.89 22.02
C ARG B 207 -0.98 7.61 23.26
N ALA B 208 0.29 7.40 23.60
CA ALA B 208 0.85 8.05 24.78
C ALA B 208 0.85 9.56 24.65
N ALA B 209 0.97 10.08 23.43
CA ALA B 209 0.93 11.51 23.17
C ALA B 209 -0.47 12.03 22.88
N ARG B 210 -1.48 11.15 22.88
CA ARG B 210 -2.88 11.51 22.67
C ARG B 210 -3.15 12.03 21.25
N ARG B 211 -2.21 11.89 20.33
CA ARG B 211 -2.42 12.26 18.93
C ARG B 211 -2.93 11.06 18.13
N VAL B 212 -4.01 10.46 18.63
CA VAL B 212 -4.54 9.23 18.08
C VAL B 212 -6.00 9.34 17.66
N GLU B 213 -6.77 10.31 18.19
CA GLU B 213 -8.13 10.52 17.75
C GLU B 213 -8.15 11.19 16.36
N PRO B 214 -9.18 10.96 15.55
CA PRO B 214 -9.23 11.65 14.24
C PRO B 214 -9.26 13.17 14.36
N ALA B 215 -9.84 13.70 15.44
CA ALA B 215 -9.87 15.15 15.63
C ALA B 215 -8.49 15.73 15.92
N ARG B 216 -7.50 14.90 16.26
CA ARG B 216 -6.19 15.36 16.69
C ARG B 216 -5.06 14.72 15.89
N SER B 217 -5.25 13.48 15.45
CA SER B 217 -4.15 12.71 14.88
C SER B 217 -3.72 13.24 13.52
N GLN B 218 -2.51 12.84 13.12
CA GLN B 218 -2.04 13.15 11.78
C GLN B 218 -2.86 12.45 10.71
N VAL B 219 -3.25 11.19 10.97
CA VAL B 219 -4.07 10.46 10.01
C VAL B 219 -5.42 11.12 9.86
N GLY B 220 -5.97 11.67 10.94
CA GLY B 220 -7.25 12.35 10.85
C GLY B 220 -7.19 13.58 9.96
N SER B 221 -6.13 14.35 10.07
CA SER B 221 -5.95 15.51 9.18
C SER B 221 -5.76 15.06 7.74
N ALA B 222 -5.00 13.98 7.53
CA ALA B 222 -4.81 13.47 6.18
C ALA B 222 -6.12 12.96 5.59
N LEU B 223 -6.96 12.35 6.42
CA LEU B 223 -8.27 11.92 5.95
C LEU B 223 -9.14 13.11 5.54
N ALA B 224 -9.09 14.19 6.33
CA ALA B 224 -9.86 15.39 5.99
C ALA B 224 -9.38 15.99 4.67
N ALA B 225 -8.07 16.09 4.49
CA ALA B 225 -7.55 16.59 3.22
C ALA B 225 -7.88 15.65 2.08
N GLN B 226 -7.76 14.34 2.30
CA GLN B 226 -8.04 13.38 1.24
C GLN B 226 -9.50 13.42 0.82
N HIS B 227 -10.41 13.54 1.78
CA HIS B 227 -11.83 13.63 1.44
C HIS B 227 -12.13 14.93 0.70
N GLY B 228 -11.51 16.04 1.12
CA GLY B 228 -11.71 17.30 0.43
C GLY B 228 -11.23 17.25 -1.01
N ALA B 229 -10.04 16.67 -1.22
CA ALA B 229 -9.55 16.49 -2.58
C ALA B 229 -10.43 15.53 -3.36
N GLY B 230 -10.95 14.50 -2.70
CA GLY B 230 -11.81 13.55 -3.38
C GLY B 230 -13.10 14.17 -3.88
N LEU B 231 -13.70 15.05 -3.08
CA LEU B 231 -14.93 15.71 -3.51
C LEU B 231 -14.64 16.74 -4.60
N ARG B 232 -13.49 17.41 -4.52
CA ARG B 232 -13.12 18.35 -5.58
C ARG B 232 -12.93 17.64 -6.92
N LEU B 233 -12.37 16.44 -6.88
CA LEU B 233 -12.23 15.66 -8.11
C LEU B 233 -13.59 15.34 -8.70
N LEU B 234 -14.57 14.98 -7.86
CA LEU B 234 -15.91 14.73 -8.36
C LEU B 234 -16.54 16.01 -8.92
N THR B 235 -16.18 17.17 -8.38
CA THR B 235 -16.71 18.42 -8.89
C THR B 235 -16.15 18.74 -10.27
N MET B 236 -14.83 18.61 -10.43
CA MET B 236 -14.19 18.97 -11.68
C MET B 236 -14.41 17.94 -12.79
N GLN B 237 -14.95 16.77 -12.47
CA GLN B 237 -15.38 15.83 -13.51
C GLN B 237 -16.75 16.16 -14.07
N ILE B 238 -17.46 17.14 -13.48
CA ILE B 238 -18.74 17.56 -14.06
C ILE B 238 -18.57 18.14 -15.46
N PRO B 239 -17.65 19.08 -15.72
CA PRO B 239 -17.48 19.55 -17.10
C PRO B 239 -17.10 18.45 -18.08
N GLY B 240 -16.36 17.43 -17.63
CA GLY B 240 -16.10 16.30 -18.49
C GLY B 240 -17.37 15.58 -18.89
N GLN B 241 -18.25 15.31 -17.92
CA GLN B 241 -19.53 14.66 -18.21
C GLN B 241 -20.39 15.54 -19.10
N VAL B 242 -20.41 16.85 -18.85
CA VAL B 242 -21.21 17.76 -19.67
C VAL B 242 -20.66 17.81 -21.09
N LEU B 243 -19.34 17.90 -21.24
CA LEU B 243 -18.76 18.06 -22.57
C LEU B 243 -18.95 16.82 -23.41
N PHE B 244 -18.83 15.63 -22.80
CA PHE B 244 -19.11 14.41 -23.54
C PHE B 244 -20.57 14.34 -23.96
N SER B 245 -21.48 14.76 -23.07
CA SER B 245 -22.89 14.80 -23.43
C SER B 245 -23.16 15.78 -24.57
N LEU B 246 -22.53 16.95 -24.51
CA LEU B 246 -22.70 17.91 -25.60
C LEU B 246 -22.06 17.41 -26.89
N ALA B 247 -20.93 16.71 -26.79
CA ALA B 247 -20.31 16.13 -27.98
C ALA B 247 -21.22 15.09 -28.61
N GLY B 248 -21.87 14.27 -27.78
CA GLY B 248 -22.82 13.31 -28.32
C GLY B 248 -24.01 13.98 -28.98
N GLN B 249 -24.57 15.01 -28.35
CA GLN B 249 -25.71 15.71 -28.92
C GLN B 249 -25.32 16.42 -30.21
N VAL B 250 -24.14 17.04 -30.24
CA VAL B 250 -23.69 17.70 -31.46
C VAL B 250 -23.49 16.69 -32.58
N ALA B 251 -22.89 15.55 -32.27
CA ALA B 251 -22.71 14.50 -33.28
C ALA B 251 -24.05 13.97 -33.76
N LEU B 252 -25.01 13.79 -32.84
CA LEU B 252 -26.33 13.33 -33.22
C LEU B 252 -27.02 14.34 -34.14
N ILE B 253 -26.93 15.62 -33.80
CA ILE B 253 -27.56 16.66 -34.61
C ILE B 253 -26.90 16.74 -35.99
N GLY B 254 -25.57 16.71 -36.01
CA GLY B 254 -24.87 16.72 -37.30
C GLY B 254 -25.20 15.51 -38.15
N PHE B 255 -25.19 14.33 -37.54
CA PHE B 255 -25.47 13.10 -38.29
C PHE B 255 -26.91 13.09 -38.79
N ALA B 256 -27.87 13.36 -37.91
CA ALA B 256 -29.28 13.31 -38.29
C ALA B 256 -29.61 14.40 -39.30
N GLY B 257 -29.06 15.61 -39.11
CA GLY B 257 -29.35 16.68 -40.04
C GLY B 257 -28.86 16.41 -41.44
N MET B 258 -27.65 15.86 -41.57
CA MET B 258 -27.11 15.52 -42.88
C MET B 258 -27.94 14.43 -43.54
N ALA B 259 -28.33 13.40 -42.79
CA ALA B 259 -29.16 12.34 -43.34
C ALA B 259 -30.52 12.87 -43.77
N VAL B 260 -31.10 13.76 -42.97
CA VAL B 260 -32.37 14.38 -43.36
C VAL B 260 -32.18 15.26 -44.59
N TRP B 261 -31.08 16.01 -44.65
CA TRP B 261 -30.84 16.89 -45.79
C TRP B 261 -30.69 16.09 -47.08
N LEU B 262 -29.99 14.95 -47.01
CA LEU B 262 -29.87 14.09 -48.19
C LEU B 262 -31.22 13.47 -48.55
N THR B 263 -31.99 13.06 -47.55
CA THR B 263 -33.30 12.46 -47.82
C THR B 263 -34.23 13.45 -48.51
N VAL B 264 -34.21 14.71 -48.06
CA VAL B 264 -35.03 15.73 -48.71
C VAL B 264 -34.57 15.95 -50.14
N ARG B 265 -33.25 16.00 -50.36
CA ARG B 265 -32.70 16.19 -51.69
C ARG B 265 -32.78 14.95 -52.57
N GLY B 266 -33.16 13.80 -52.01
CA GLY B 266 -33.36 12.60 -52.79
C GLY B 266 -32.12 11.77 -53.04
N GLN B 267 -30.96 12.17 -52.51
CA GLN B 267 -29.74 11.38 -52.66
C GLN B 267 -29.66 10.20 -51.70
N LEU B 268 -30.67 10.01 -50.85
CA LEU B 268 -30.64 8.95 -49.85
C LEU B 268 -32.05 8.40 -49.69
N GLY B 269 -32.20 7.09 -49.90
CA GLY B 269 -33.50 6.48 -49.79
C GLY B 269 -33.98 6.40 -48.35
N VAL B 270 -35.29 6.24 -48.19
CA VAL B 270 -35.88 6.11 -46.86
C VAL B 270 -35.37 4.88 -46.13
N PRO B 271 -35.33 3.68 -46.73
CA PRO B 271 -34.75 2.53 -46.02
C PRO B 271 -33.30 2.73 -45.60
N GLU B 272 -32.49 3.39 -46.43
CA GLU B 272 -31.13 3.72 -46.01
C GLU B 272 -31.14 4.65 -44.80
N ALA B 273 -32.06 5.62 -44.79
CA ALA B 273 -32.13 6.55 -43.66
C ALA B 273 -32.52 5.84 -42.38
N ILE B 274 -33.48 4.91 -42.46
CA ILE B 274 -33.89 4.17 -41.27
C ILE B 274 -32.78 3.23 -40.82
N ALA B 275 -32.06 2.64 -41.77
CA ALA B 275 -30.87 1.88 -41.42
C ALA B 275 -29.85 2.77 -40.73
N LEU B 276 -29.74 4.03 -41.19
CA LEU B 276 -28.79 4.96 -40.58
C LEU B 276 -29.17 5.36 -39.17
N ILE B 277 -30.45 5.22 -38.78
CA ILE B 277 -30.82 5.46 -37.39
C ILE B 277 -30.11 4.46 -36.49
N VAL B 278 -30.10 3.19 -36.89
CA VAL B 278 -29.42 2.16 -36.11
C VAL B 278 -27.92 2.42 -36.12
N VAL B 279 -27.36 2.78 -37.28
CA VAL B 279 -25.95 3.09 -37.36
C VAL B 279 -25.63 4.31 -36.50
N LEU B 280 -26.56 5.27 -36.43
CA LEU B 280 -26.37 6.42 -35.56
C LEU B 280 -26.29 5.98 -34.09
N VAL B 281 -27.14 5.04 -33.69
CA VAL B 281 -27.09 4.53 -32.33
C VAL B 281 -25.77 3.82 -32.07
N ARG B 282 -25.34 2.98 -33.03
CA ARG B 282 -24.02 2.35 -32.91
C ARG B 282 -22.92 3.41 -32.92
N TYR B 283 -23.15 4.50 -33.64
CA TYR B 283 -22.15 5.58 -33.72
C TYR B 283 -22.06 6.36 -32.41
N LEU B 284 -23.17 6.48 -31.68
CA LEU B 284 -23.21 7.28 -30.45
C LEU B 284 -22.88 6.47 -29.20
N GLU B 285 -22.91 5.15 -29.26
CA GLU B 285 -22.50 4.35 -28.11
C GLU B 285 -21.08 4.63 -27.65
N PRO B 286 -20.07 4.71 -28.52
CA PRO B 286 -18.71 5.04 -28.01
C PRO B 286 -18.62 6.42 -27.39
N PHE B 287 -19.53 7.34 -27.70
CA PHE B 287 -19.52 8.64 -27.01
C PHE B 287 -19.82 8.47 -25.53
N ALA B 288 -20.60 7.46 -25.17
CA ALA B 288 -20.87 7.16 -23.77
C ALA B 288 -19.83 6.25 -23.15
N ALA B 289 -19.29 5.30 -23.93
CA ALA B 289 -18.25 4.41 -23.41
C ALA B 289 -16.99 5.20 -23.07
N ILE B 290 -16.60 6.13 -23.93
CA ILE B 290 -15.39 6.93 -23.68
C ILE B 290 -15.56 7.78 -22.44
N ALA B 291 -16.78 8.24 -22.16
CA ALA B 291 -17.01 9.04 -20.96
C ALA B 291 -16.72 8.24 -19.69
N ASP B 292 -17.07 6.96 -19.69
CA ASP B 292 -16.82 6.12 -18.52
C ASP B 292 -15.35 5.73 -18.40
N LEU B 293 -14.64 5.59 -19.54
CA LEU B 293 -13.25 5.18 -19.51
C LEU B 293 -12.30 6.35 -19.22
N ALA B 294 -12.69 7.56 -19.59
CA ALA B 294 -11.77 8.70 -19.46
C ALA B 294 -11.31 8.98 -18.03
N PRO B 295 -12.16 8.93 -16.99
CA PRO B 295 -11.65 9.18 -15.63
C PRO B 295 -10.56 8.21 -15.19
N ALA B 296 -10.67 6.93 -15.56
CA ALA B 296 -9.66 5.96 -15.17
C ALA B 296 -8.33 6.17 -15.88
N LEU B 297 -8.32 6.89 -16.99
CA LEU B 297 -7.10 7.04 -17.77
C LEU B 297 -6.03 7.83 -17.01
N GLU B 298 -6.44 8.91 -16.33
CA GLU B 298 -5.47 9.71 -15.58
C GLU B 298 -4.92 8.94 -14.40
N THR B 299 -5.76 8.19 -13.69
CA THR B 299 -5.29 7.43 -12.55
C THR B 299 -4.28 6.38 -12.99
N THR B 300 -4.54 5.71 -14.13
CA THR B 300 -3.58 4.76 -14.66
C THR B 300 -2.27 5.44 -15.04
N ARG B 301 -2.35 6.62 -15.65
CA ARG B 301 -1.13 7.34 -16.04
C ARG B 301 -0.30 7.67 -14.82
N ALA B 302 -0.94 8.03 -13.71
CA ALA B 302 -0.21 8.26 -12.47
C ALA B 302 0.44 6.98 -11.97
N THR B 303 -0.27 5.84 -12.07
CA THR B 303 0.29 4.58 -11.59
C THR B 303 1.51 4.18 -12.39
N LEU B 304 1.42 4.22 -13.72
CA LEU B 304 2.57 3.87 -14.54
C LEU B 304 3.70 4.87 -14.37
N ASN B 305 3.37 6.14 -14.07
CA ASN B 305 4.42 7.11 -13.78
C ASN B 305 5.20 6.73 -12.53
N ARG B 306 4.51 6.27 -11.48
CA ARG B 306 5.19 5.83 -10.28
C ARG B 306 6.07 4.61 -10.56
N ILE B 307 5.57 3.68 -11.37
CA ILE B 307 6.36 2.49 -11.72
C ILE B 307 7.61 2.90 -12.50
N GLN B 308 7.44 3.81 -13.47
CA GLN B 308 8.59 4.27 -14.23
C GLN B 308 9.57 5.05 -13.37
N ALA B 309 9.06 5.78 -12.37
CA ALA B 309 9.95 6.52 -11.48
C ALA B 309 10.86 5.59 -10.70
N VAL B 310 10.31 4.48 -10.22
CA VAL B 310 11.10 3.52 -9.45
C VAL B 310 12.12 2.83 -10.35
N LEU B 311 11.72 2.47 -11.58
CA LEU B 311 12.66 1.87 -12.51
C LEU B 311 13.74 2.85 -12.96
N ASP B 312 13.52 4.15 -12.82
CA ASP B 312 14.50 5.17 -13.18
C ASP B 312 15.37 5.58 -12.01
N ALA B 313 15.27 4.91 -10.86
CA ALA B 313 16.05 5.31 -9.70
C ALA B 313 17.54 5.10 -9.97
N PRO B 314 18.43 5.91 -9.34
CA PRO B 314 19.86 5.81 -9.64
C PRO B 314 20.51 4.65 -8.91
N THR B 315 20.88 3.61 -9.67
CA THR B 315 21.52 2.46 -9.07
C THR B 315 22.91 2.82 -8.55
N LEU B 316 23.32 2.13 -7.49
CA LEU B 316 24.64 2.38 -6.92
C LEU B 316 25.71 1.93 -7.90
N PRO B 317 26.87 2.60 -7.96
CA PRO B 317 27.95 2.11 -8.82
C PRO B 317 28.41 0.72 -8.41
N ALA B 318 28.76 -0.09 -9.41
CA ALA B 318 29.26 -1.43 -9.18
C ALA B 318 30.13 -1.84 -10.36
N GLY B 319 31.04 -2.78 -10.11
CA GLY B 319 31.96 -3.28 -11.10
C GLY B 319 31.87 -4.80 -11.22
N ARG B 320 33.02 -5.42 -11.49
CA ARG B 320 33.09 -6.87 -11.65
C ARG B 320 34.31 -7.50 -10.99
N ARG B 321 35.11 -6.75 -10.25
CA ARG B 321 36.23 -7.33 -9.53
C ARG B 321 35.71 -8.30 -8.46
N ARG B 322 36.54 -9.26 -8.09
CA ARG B 322 36.19 -10.24 -7.08
C ARG B 322 37.41 -10.52 -6.20
N LEU B 323 37.16 -10.70 -4.91
CA LEU B 323 38.23 -11.04 -3.99
C LEU B 323 38.76 -12.44 -4.29
N ASP B 324 40.06 -12.62 -4.08
CA ASP B 324 40.74 -13.89 -4.34
C ASP B 324 40.81 -14.76 -3.09
N ARG B 325 39.83 -14.65 -2.22
CA ARG B 325 39.82 -15.32 -0.92
C ARG B 325 38.74 -16.39 -0.90
N THR B 326 39.08 -17.57 -0.41
CA THR B 326 38.09 -18.63 -0.16
C THR B 326 37.50 -18.45 1.23
N GLY B 327 36.78 -17.33 1.39
CA GLY B 327 36.21 -16.98 2.68
C GLY B 327 37.24 -16.66 3.74
N ALA B 328 38.43 -16.23 3.34
CA ALA B 328 39.49 -15.86 4.26
C ALA B 328 39.39 -14.37 4.60
N ALA B 329 40.07 -13.98 5.68
CA ALA B 329 39.94 -12.63 6.20
C ALA B 329 40.62 -11.61 5.29
N PRO B 330 39.92 -10.59 4.78
CA PRO B 330 40.61 -9.53 4.03
C PRO B 330 41.03 -8.38 4.93
N SER B 331 41.97 -7.58 4.40
CA SER B 331 42.32 -6.32 5.01
C SER B 331 41.32 -5.25 4.62
N ILE B 332 41.18 -4.22 5.46
CA ILE B 332 40.25 -3.13 5.24
C ILE B 332 40.99 -1.82 5.48
N GLU B 333 40.70 -0.82 4.66
CA GLU B 333 41.36 0.47 4.74
C GLU B 333 40.43 1.55 4.20
N PHE B 334 40.51 2.73 4.81
CA PHE B 334 39.88 3.94 4.29
C PHE B 334 40.97 4.84 3.76
N ASP B 335 40.88 5.19 2.48
CA ASP B 335 41.88 6.00 1.78
C ASP B 335 41.28 7.38 1.56
N ASP B 336 41.46 8.25 2.57
CA ASP B 336 41.02 9.64 2.48
C ASP B 336 39.53 9.74 2.19
N VAL B 337 38.76 8.86 2.83
CA VAL B 337 37.33 8.75 2.54
C VAL B 337 36.60 10.02 2.97
N ARG B 338 35.68 10.47 2.14
CA ARG B 338 34.81 11.59 2.43
C ARG B 338 33.38 11.22 2.03
N PHE B 339 32.43 11.60 2.88
CA PHE B 339 31.04 11.19 2.69
C PHE B 339 30.13 12.24 3.33
N SER B 340 28.94 12.40 2.75
CA SER B 340 28.00 13.41 3.22
C SER B 340 26.58 12.97 2.89
N TYR B 341 25.65 13.32 3.77
CA TYR B 341 24.22 13.20 3.51
C TYR B 341 23.72 14.58 3.10
N GLY B 342 23.52 14.78 1.80
CA GLY B 342 23.17 16.10 1.31
C GLY B 342 24.30 17.08 1.59
N ASP B 343 24.01 18.14 2.33
CA ASP B 343 24.99 19.17 2.66
C ASP B 343 25.73 18.89 3.96
N GLU B 344 25.35 17.85 4.71
CA GLU B 344 25.97 17.55 5.99
C GLU B 344 27.13 16.58 5.78
N VAL B 345 28.34 17.03 6.10
CA VAL B 345 29.52 16.17 5.99
C VAL B 345 29.58 15.26 7.21
N VAL B 346 29.65 13.96 6.97
CA VAL B 346 29.79 12.98 8.05
C VAL B 346 31.24 12.62 8.29
N LEU B 347 31.98 12.35 7.21
CA LEU B 347 33.37 11.96 7.26
C LEU B 347 34.18 12.83 6.32
N ASP B 348 35.37 13.24 6.76
CA ASP B 348 36.24 14.07 5.95
C ASP B 348 37.68 13.80 6.36
N GLY B 349 38.45 13.18 5.47
CA GLY B 349 39.84 12.89 5.73
C GLY B 349 40.10 11.70 6.62
N VAL B 350 39.06 10.94 6.98
CA VAL B 350 39.26 9.79 7.86
C VAL B 350 40.05 8.72 7.12
N SER B 351 41.07 8.18 7.79
CA SER B 351 41.90 7.13 7.22
C SER B 351 42.35 6.17 8.31
N PHE B 352 42.25 4.87 8.02
CA PHE B 352 42.71 3.85 8.94
C PHE B 352 42.98 2.58 8.15
N THR B 353 43.64 1.62 8.80
CA THR B 353 43.92 0.32 8.21
C THR B 353 43.65 -0.75 9.25
N LEU B 354 42.83 -1.74 8.88
CA LEU B 354 42.49 -2.87 9.74
C LEU B 354 43.21 -4.10 9.23
N ARG B 355 43.99 -4.74 10.09
CA ARG B 355 44.69 -5.95 9.69
C ARG B 355 43.70 -7.09 9.53
N PRO B 356 44.04 -8.12 8.74
CA PRO B 356 43.01 -9.12 8.40
C PRO B 356 42.45 -9.89 9.58
N GLY B 357 43.31 -10.48 10.40
CA GLY B 357 42.88 -11.38 11.45
C GLY B 357 42.60 -10.75 12.80
N ASN B 358 42.67 -9.42 12.91
CA ASN B 358 42.50 -8.73 14.18
C ASN B 358 41.08 -8.21 14.35
N THR B 359 40.70 -7.97 15.61
CA THR B 359 39.41 -7.41 15.97
C THR B 359 39.61 -5.95 16.36
N THR B 360 38.85 -5.06 15.73
CA THR B 360 38.98 -3.62 15.91
C THR B 360 37.69 -3.06 16.51
N ALA B 361 37.84 -2.11 17.42
CA ALA B 361 36.72 -1.42 18.05
C ALA B 361 36.62 -0.01 17.52
N ILE B 362 35.40 0.47 17.35
CA ILE B 362 35.11 1.85 16.98
C ILE B 362 34.20 2.42 18.07
N VAL B 363 34.62 3.54 18.67
CA VAL B 363 33.91 4.17 19.76
C VAL B 363 33.93 5.68 19.54
N GLY B 364 33.24 6.39 20.42
CA GLY B 364 33.14 7.83 20.34
C GLY B 364 31.75 8.31 20.74
N PRO B 365 31.52 9.62 20.71
CA PRO B 365 30.19 10.14 21.06
C PRO B 365 29.11 9.68 20.10
N SER B 366 27.86 9.94 20.48
CA SER B 366 26.72 9.66 19.62
C SER B 366 26.60 10.74 18.55
N GLY B 367 26.22 10.32 17.35
CA GLY B 367 26.14 11.24 16.23
C GLY B 367 27.49 11.58 15.65
N SER B 368 28.45 10.65 15.73
CA SER B 368 29.84 10.90 15.34
C SER B 368 30.23 10.22 14.05
N GLY B 369 29.35 9.43 13.43
CA GLY B 369 29.61 8.87 12.12
C GLY B 369 30.21 7.49 12.09
N LYS B 370 30.10 6.73 13.18
CA LYS B 370 30.72 5.41 13.24
C LYS B 370 29.82 4.31 12.67
N THR B 371 28.50 4.50 12.70
CA THR B 371 27.63 3.64 11.90
C THR B 371 27.82 3.90 10.41
N THR B 372 28.15 5.15 10.03
CA THR B 372 28.46 5.43 8.64
C THR B 372 29.71 4.69 8.19
N ILE B 373 30.68 4.54 9.09
CA ILE B 373 31.91 3.82 8.74
C ILE B 373 31.60 2.36 8.44
N LEU B 374 30.75 1.73 9.26
CA LEU B 374 30.37 0.35 9.00
C LEU B 374 29.59 0.23 7.70
N SER B 375 28.69 1.17 7.44
CA SER B 375 27.89 1.11 6.21
C SER B 375 28.77 1.27 4.97
N LEU B 376 29.80 2.11 5.06
CA LEU B 376 30.72 2.25 3.93
C LEU B 376 31.54 0.98 3.74
N ILE B 377 31.93 0.33 4.84
CA ILE B 377 32.65 -0.94 4.74
C ILE B 377 31.78 -2.00 4.07
N ALA B 378 30.52 -2.07 4.46
CA ALA B 378 29.60 -3.06 3.91
C ALA B 378 29.10 -2.69 2.52
N GLY B 379 29.35 -1.48 2.04
CA GLY B 379 28.92 -1.06 0.73
C GLY B 379 27.52 -0.52 0.64
N LEU B 380 26.81 -0.39 1.77
CA LEU B 380 25.48 0.22 1.73
C LEU B 380 25.55 1.66 1.24
N GLN B 381 26.51 2.41 1.75
CA GLN B 381 26.85 3.73 1.25
C GLN B 381 28.12 3.63 0.39
N GLN B 382 28.47 4.74 -0.24
CA GLN B 382 29.73 4.85 -0.96
C GLN B 382 30.28 6.26 -0.79
N PRO B 383 31.61 6.43 -0.82
CA PRO B 383 32.17 7.77 -0.59
C PRO B 383 31.78 8.77 -1.68
N ALA B 384 31.69 10.03 -1.27
CA ALA B 384 31.61 11.11 -2.26
C ALA B 384 32.96 11.31 -2.94
N SER B 385 34.04 11.27 -2.17
CA SER B 385 35.40 11.30 -2.68
C SER B 385 36.25 10.41 -1.80
N GLY B 386 37.32 9.88 -2.37
CA GLY B 386 38.12 8.86 -1.72
C GLY B 386 37.60 7.48 -2.04
N ARG B 387 38.27 6.48 -1.46
CA ARG B 387 38.01 5.09 -1.80
C ARG B 387 38.25 4.20 -0.60
N VAL B 388 37.39 3.18 -0.46
CA VAL B 388 37.50 2.17 0.59
C VAL B 388 37.80 0.84 -0.09
N LEU B 389 38.75 0.09 0.47
CA LEU B 389 39.29 -1.11 -0.15
C LEU B 389 39.15 -2.30 0.77
N LEU B 390 38.65 -3.41 0.22
CA LEU B 390 38.65 -4.71 0.88
C LEU B 390 39.70 -5.58 0.22
N ASP B 391 40.72 -5.98 0.98
CA ASP B 391 41.81 -6.80 0.46
C ASP B 391 42.56 -6.09 -0.66
N GLY B 392 42.64 -4.76 -0.59
CA GLY B 392 43.27 -3.99 -1.65
C GLY B 392 42.44 -3.84 -2.90
N VAL B 393 41.15 -4.16 -2.86
CA VAL B 393 40.25 -4.07 -4.00
C VAL B 393 39.18 -3.05 -3.68
N ASP B 394 39.01 -2.07 -4.57
CA ASP B 394 38.00 -1.04 -4.37
C ASP B 394 36.61 -1.65 -4.41
N VAL B 395 35.85 -1.49 -3.33
CA VAL B 395 34.56 -2.17 -3.24
C VAL B 395 33.58 -1.64 -4.27
N THR B 396 33.72 -0.37 -4.69
CA THR B 396 32.85 0.15 -5.73
C THR B 396 33.06 -0.56 -7.06
N THR B 397 34.22 -1.18 -7.27
CA THR B 397 34.50 -1.96 -8.47
C THR B 397 34.19 -3.45 -8.30
N LEU B 398 33.73 -3.88 -7.14
CA LEU B 398 33.49 -5.29 -6.89
C LEU B 398 32.14 -5.71 -7.46
N ASP B 399 32.05 -7.00 -7.77
CA ASP B 399 30.77 -7.59 -8.13
C ASP B 399 29.81 -7.44 -6.96
N PRO B 400 28.55 -7.04 -7.17
CA PRO B 400 27.63 -6.97 -6.02
C PRO B 400 27.45 -8.30 -5.29
N GLU B 401 27.49 -9.42 -6.02
CA GLU B 401 27.48 -10.71 -5.35
C GLU B 401 28.73 -10.91 -4.51
N ALA B 402 29.89 -10.51 -5.04
CA ALA B 402 31.12 -10.58 -4.26
C ALA B 402 31.18 -9.50 -3.18
N ARG B 403 30.44 -8.41 -3.33
CA ARG B 403 30.44 -7.35 -2.32
C ARG B 403 29.65 -7.74 -1.09
N ARG B 404 28.49 -8.38 -1.27
CA ARG B 404 27.64 -8.76 -0.15
C ARG B 404 27.94 -10.14 0.40
N ALA B 405 28.65 -10.98 -0.35
CA ALA B 405 29.15 -12.24 0.19
C ALA B 405 30.40 -12.06 1.02
N ALA B 406 30.96 -10.84 1.10
CA ALA B 406 32.18 -10.58 1.84
C ALA B 406 31.94 -9.99 3.21
N VAL B 407 30.73 -9.51 3.52
CA VAL B 407 30.44 -8.82 4.77
C VAL B 407 29.13 -9.34 5.34
N SER B 408 29.11 -9.55 6.66
CA SER B 408 27.90 -9.80 7.43
C SER B 408 27.84 -8.79 8.56
N VAL B 409 26.66 -8.22 8.78
CA VAL B 409 26.49 -7.07 9.64
C VAL B 409 25.38 -7.31 10.66
N VAL B 410 25.63 -6.91 11.89
CA VAL B 410 24.61 -6.77 12.92
C VAL B 410 24.23 -5.30 12.97
N PHE B 411 22.98 -4.98 12.64
CA PHE B 411 22.57 -3.59 12.53
C PHE B 411 22.24 -3.01 13.90
N GLN B 412 22.29 -1.67 13.97
CA GLN B 412 22.01 -0.99 15.23
C GLN B 412 20.56 -1.19 15.65
N HIS B 413 19.62 -1.00 14.72
CA HIS B 413 18.21 -1.22 14.96
C HIS B 413 17.82 -2.56 14.33
N PRO B 414 17.86 -3.68 15.09
CA PRO B 414 17.70 -4.99 14.44
C PRO B 414 16.30 -5.23 13.89
N TYR B 415 16.19 -5.32 12.57
CA TYR B 415 14.93 -5.55 11.90
C TYR B 415 14.77 -7.03 11.59
N LEU B 416 13.59 -7.57 11.90
CA LEU B 416 13.24 -8.95 11.61
C LEU B 416 11.98 -8.98 10.75
N PHE B 417 11.98 -9.86 9.76
CA PHE B 417 10.82 -9.97 8.87
C PHE B 417 9.73 -10.80 9.53
N ASP B 418 8.49 -10.56 9.09
CA ASP B 418 7.33 -11.24 9.67
C ASP B 418 7.41 -12.73 9.36
N GLY B 419 7.72 -13.53 10.38
CA GLY B 419 7.87 -14.96 10.18
C GLY B 419 8.42 -15.61 11.43
N THR B 420 8.75 -16.89 11.30
CA THR B 420 9.27 -17.64 12.43
C THR B 420 10.66 -17.16 12.80
N LEU B 421 11.06 -17.45 14.04
CA LEU B 421 12.39 -17.06 14.50
C LEU B 421 13.47 -17.80 13.72
N ARG B 422 13.23 -19.07 13.39
CA ARG B 422 14.22 -19.83 12.63
C ARG B 422 14.46 -19.22 11.26
N ASP B 423 13.40 -18.76 10.60
CA ASP B 423 13.55 -18.19 9.26
C ASP B 423 14.42 -16.95 9.29
N ASN B 424 14.26 -16.11 10.31
CA ASN B 424 15.11 -14.93 10.44
C ASN B 424 16.57 -15.33 10.65
N VAL B 425 16.81 -16.40 11.42
CA VAL B 425 18.17 -16.89 11.60
C VAL B 425 18.72 -17.44 10.29
N LEU B 426 17.88 -18.18 9.55
CA LEU B 426 18.31 -18.80 8.30
C LEU B 426 18.52 -17.80 7.17
N VAL B 427 18.10 -16.54 7.34
CA VAL B 427 18.33 -15.53 6.31
C VAL B 427 19.82 -15.33 6.08
N GLY B 428 20.64 -15.54 7.12
CA GLY B 428 22.08 -15.39 6.95
C GLY B 428 22.67 -16.37 5.96
N ASP B 429 22.13 -17.60 5.91
CA ASP B 429 22.63 -18.64 5.02
C ASP B 429 21.52 -19.67 4.81
N PRO B 430 20.67 -19.51 3.79
CA PRO B 430 19.53 -20.44 3.66
C PRO B 430 19.92 -21.90 3.49
N GLU B 431 21.06 -22.19 2.88
CA GLU B 431 21.53 -23.56 2.67
C GLU B 431 22.38 -24.06 3.83
N ALA B 432 22.21 -23.49 5.02
CA ALA B 432 23.07 -23.84 6.14
C ALA B 432 22.78 -25.25 6.64
N ASP B 433 23.84 -25.94 7.03
CA ASP B 433 23.67 -27.22 7.70
C ASP B 433 23.01 -26.98 9.05
N PRO B 434 22.02 -27.79 9.47
CA PRO B 434 21.42 -27.58 10.80
C PRO B 434 22.42 -27.63 11.94
N ASP B 435 23.54 -28.34 11.79
CA ASP B 435 24.60 -28.24 12.78
C ASP B 435 25.17 -26.83 12.83
N ASP B 436 25.35 -26.21 11.66
CA ASP B 436 25.86 -24.84 11.63
C ASP B 436 24.84 -23.85 12.18
N VAL B 437 23.55 -24.07 11.91
CA VAL B 437 22.51 -23.18 12.43
C VAL B 437 22.48 -23.25 13.96
N THR B 438 22.48 -24.47 14.51
CA THR B 438 22.41 -24.63 15.96
C THR B 438 23.64 -24.04 16.63
N ALA B 439 24.80 -24.13 15.98
CA ALA B 439 25.99 -23.46 16.49
C ALA B 439 25.82 -21.95 16.49
N ALA B 440 25.21 -21.40 15.42
CA ALA B 440 24.97 -19.97 15.37
C ALA B 440 24.00 -19.54 16.46
N MET B 441 22.94 -20.31 16.69
CA MET B 441 21.98 -19.97 17.74
C MET B 441 22.63 -20.07 19.11
N ARG B 442 23.50 -21.05 19.32
CA ARG B 442 24.18 -21.19 20.61
C ARG B 442 25.09 -20.00 20.88
N LEU B 443 25.85 -19.57 19.88
CA LEU B 443 26.78 -18.45 20.07
C LEU B 443 26.03 -17.17 20.39
N ALA B 444 24.91 -16.93 19.72
CA ALA B 444 24.14 -15.71 19.92
C ALA B 444 23.25 -15.75 21.16
N ARG B 445 23.35 -16.79 21.99
CA ARG B 445 22.49 -17.00 23.16
C ARG B 445 21.01 -17.10 22.77
N VAL B 446 20.72 -17.45 21.52
CA VAL B 446 19.34 -17.69 21.12
C VAL B 446 18.80 -18.95 21.77
N ASP B 447 19.67 -19.86 22.22
CA ASP B 447 19.21 -21.07 22.87
C ASP B 447 18.40 -20.77 24.13
N GLU B 448 18.66 -19.64 24.78
CA GLU B 448 17.82 -19.22 25.90
C GLU B 448 16.38 -18.96 25.42
N LEU B 449 16.23 -18.31 24.27
CA LEU B 449 14.90 -18.06 23.74
C LEU B 449 14.18 -19.36 23.42
N LEU B 450 14.89 -20.32 22.82
CA LEU B 450 14.26 -21.57 22.42
C LEU B 450 13.73 -22.34 23.63
N ASP B 451 14.51 -22.38 24.71
CA ASP B 451 14.08 -23.10 25.90
C ASP B 451 13.03 -22.32 26.69
N ARG B 452 13.05 -20.99 26.62
CA ARG B 452 12.15 -20.17 27.42
C ARG B 452 10.86 -19.83 26.69
N LEU B 453 10.93 -19.60 25.38
CA LEU B 453 9.73 -19.28 24.64
C LEU B 453 8.81 -20.51 24.58
N PRO B 454 7.48 -20.32 24.43
CA PRO B 454 6.59 -21.49 24.36
C PRO B 454 6.81 -22.33 23.11
N ASP B 455 6.91 -21.67 21.96
CA ASP B 455 6.95 -22.35 20.66
C ASP B 455 8.37 -22.63 20.17
N GLY B 456 9.39 -22.30 20.95
CA GLY B 456 10.76 -22.52 20.49
C GLY B 456 11.11 -21.59 19.34
N ASP B 457 11.90 -22.12 18.42
CA ASP B 457 12.30 -21.42 17.19
C ASP B 457 11.14 -21.16 16.24
N ALA B 458 9.99 -21.81 16.43
CA ALA B 458 8.82 -21.55 15.59
C ALA B 458 8.01 -20.35 16.07
N THR B 459 8.51 -19.59 17.05
CA THR B 459 7.79 -18.42 17.53
C THR B 459 7.61 -17.42 16.40
N VAL B 460 6.38 -16.94 16.24
CA VAL B 460 6.07 -15.99 15.18
C VAL B 460 6.49 -14.60 15.61
N VAL B 461 7.26 -13.94 14.75
CA VAL B 461 7.69 -12.56 14.97
C VAL B 461 6.73 -11.65 14.21
N GLY B 462 6.51 -10.45 14.74
CA GLY B 462 5.58 -9.51 14.15
C GLY B 462 6.20 -8.78 12.99
N GLU B 463 5.58 -7.68 12.60
CA GLU B 463 6.19 -6.79 11.62
C GLU B 463 7.37 -6.10 12.28
N GLY B 464 8.53 -6.15 11.63
CA GLY B 464 9.72 -5.82 12.37
C GLY B 464 9.95 -6.93 13.39
N GLY B 465 10.61 -6.57 14.49
CA GLY B 465 10.77 -7.48 15.60
C GLY B 465 9.88 -7.11 16.77
N THR B 466 8.67 -6.63 16.47
CA THR B 466 7.81 -6.04 17.49
C THR B 466 7.09 -7.07 18.34
N ALA B 467 6.97 -8.32 17.89
CA ALA B 467 6.37 -9.37 18.70
C ALA B 467 7.35 -9.99 19.69
N LEU B 468 8.63 -9.63 19.62
CA LEU B 468 9.64 -10.04 20.58
C LEU B 468 10.15 -8.83 21.33
N SER B 469 10.81 -9.09 22.45
CA SER B 469 11.42 -8.02 23.22
C SER B 469 12.60 -7.43 22.46
N GLY B 470 13.02 -6.24 22.90
CA GLY B 470 14.14 -5.58 22.25
C GLY B 470 15.43 -6.40 22.34
N GLY B 471 15.69 -6.98 23.50
CA GLY B 471 16.87 -7.81 23.67
C GLY B 471 16.79 -9.17 23.00
N GLU B 472 15.60 -9.61 22.59
CA GLU B 472 15.45 -10.89 21.91
C GLU B 472 15.56 -10.76 20.40
N ARG B 473 14.98 -9.69 19.81
CA ARG B 473 15.20 -9.45 18.39
C ARG B 473 16.66 -9.12 18.12
N GLN B 474 17.35 -8.49 19.07
CA GLN B 474 18.76 -8.23 18.90
C GLN B 474 19.57 -9.52 18.84
N ARG B 475 19.21 -10.50 19.67
CA ARG B 475 19.94 -11.77 19.64
C ARG B 475 19.61 -12.60 18.40
N VAL B 476 18.37 -12.52 17.91
CA VAL B 476 18.03 -13.21 16.66
C VAL B 476 18.80 -12.60 15.50
N SER B 477 18.92 -11.28 15.48
CA SER B 477 19.70 -10.64 14.42
C SER B 477 21.17 -11.01 14.52
N ILE B 478 21.70 -11.16 15.74
CA ILE B 478 23.09 -11.56 15.91
C ILE B 478 23.29 -12.98 15.41
N ALA B 479 22.34 -13.87 15.70
CA ALA B 479 22.41 -15.22 15.15
C ALA B 479 22.37 -15.20 13.64
N ARG B 480 21.54 -14.32 13.07
CA ARG B 480 21.47 -14.18 11.62
C ARG B 480 22.82 -13.75 11.03
N ALA B 481 23.50 -12.80 11.69
CA ALA B 481 24.78 -12.33 11.17
C ALA B 481 25.86 -13.40 11.30
N LEU B 482 25.90 -14.10 12.44
CA LEU B 482 26.96 -15.08 12.66
C LEU B 482 26.78 -16.34 11.82
N LEU B 483 25.56 -16.66 11.42
CA LEU B 483 25.35 -17.84 10.58
C LEU B 483 25.99 -17.66 9.20
N LYS B 484 25.96 -16.44 8.66
CA LYS B 484 26.55 -16.20 7.35
C LYS B 484 28.07 -16.34 7.43
N PRO B 485 28.71 -17.06 6.46
CA PRO B 485 30.17 -17.26 6.52
C PRO B 485 30.96 -16.12 5.87
N ALA B 486 30.61 -14.87 6.22
CA ALA B 486 31.32 -13.73 5.66
C ALA B 486 32.67 -13.57 6.38
N PRO B 487 33.76 -13.26 5.67
CA PRO B 487 35.04 -13.06 6.36
C PRO B 487 35.15 -11.72 7.08
N VAL B 488 34.22 -10.78 6.85
CA VAL B 488 34.18 -9.50 7.56
C VAL B 488 32.89 -9.47 8.36
N LEU B 489 33.02 -9.25 9.67
CA LEU B 489 31.89 -9.20 10.60
C LEU B 489 31.86 -7.80 11.21
N LEU B 490 30.83 -7.03 10.86
CA LEU B 490 30.62 -5.70 11.42
C LEU B 490 29.54 -5.79 12.49
N VAL B 491 29.86 -5.35 13.70
CA VAL B 491 28.97 -5.46 14.85
C VAL B 491 28.60 -4.05 15.27
N ASP B 492 27.37 -3.64 14.97
CA ASP B 492 26.89 -2.28 15.25
C ASP B 492 26.01 -2.34 16.49
N GLU B 493 26.66 -2.27 17.66
CA GLU B 493 25.99 -2.27 18.96
C GLU B 493 25.10 -3.50 19.13
N ALA B 494 25.77 -4.65 19.17
CA ALA B 494 25.06 -5.91 19.37
C ALA B 494 24.59 -6.10 20.82
N THR B 495 25.01 -5.24 21.75
CA THR B 495 24.68 -5.39 23.16
C THR B 495 24.04 -4.12 23.71
N SER B 496 23.29 -3.39 22.88
CA SER B 496 22.62 -2.19 23.36
C SER B 496 21.44 -2.53 24.26
N ALA B 497 20.62 -3.50 23.84
CA ALA B 497 19.39 -3.86 24.53
C ALA B 497 19.51 -5.18 25.30
N LEU B 498 20.72 -5.63 25.58
CA LEU B 498 20.97 -6.92 26.24
C LEU B 498 21.37 -6.69 27.69
N ASP B 499 20.86 -7.55 28.57
CA ASP B 499 21.27 -7.49 29.96
C ASP B 499 22.75 -7.84 30.10
N ASN B 500 23.28 -7.64 31.31
CA ASN B 500 24.70 -7.86 31.54
C ASN B 500 25.08 -9.32 31.30
N ALA B 501 24.21 -10.25 31.70
CA ALA B 501 24.53 -11.66 31.55
C ALA B 501 24.55 -12.06 30.06
N ASN B 502 23.51 -11.68 29.31
CA ASN B 502 23.50 -12.00 27.88
C ASN B 502 24.56 -11.20 27.14
N GLU B 503 24.83 -9.97 27.58
CA GLU B 503 25.88 -9.17 26.95
C GLU B 503 27.23 -9.87 27.04
N ALA B 504 27.59 -10.34 28.24
CA ALA B 504 28.87 -11.02 28.42
C ALA B 504 28.92 -12.31 27.60
N ALA B 505 27.82 -13.07 27.59
CA ALA B 505 27.81 -14.33 26.85
C ALA B 505 27.96 -14.09 25.34
N VAL B 506 27.25 -13.10 24.81
CA VAL B 506 27.34 -12.82 23.38
C VAL B 506 28.71 -12.23 23.04
N VAL B 507 29.24 -11.35 23.89
CA VAL B 507 30.52 -10.72 23.61
C VAL B 507 31.64 -11.77 23.56
N ASP B 508 31.62 -12.73 24.48
CA ASP B 508 32.57 -13.83 24.42
C ASP B 508 32.37 -14.65 23.15
N ALA B 509 31.12 -14.82 22.72
CA ALA B 509 30.84 -15.61 21.53
C ALA B 509 31.38 -14.95 20.27
N LEU B 510 31.31 -13.62 20.19
CA LEU B 510 31.77 -12.92 18.99
C LEU B 510 33.26 -13.16 18.76
N THR B 511 34.06 -13.08 19.83
CA THR B 511 35.48 -13.38 19.71
C THR B 511 35.73 -14.88 19.58
N ALA B 512 34.87 -15.71 20.17
CA ALA B 512 35.03 -17.16 20.11
C ALA B 512 34.49 -17.78 18.83
N ASP B 513 33.95 -16.97 17.91
CA ASP B 513 33.49 -17.47 16.61
C ASP B 513 34.65 -18.15 15.90
N PRO B 514 34.60 -19.47 15.65
CA PRO B 514 35.83 -20.18 15.24
C PRO B 514 36.48 -19.68 13.95
N ARG B 515 35.70 -19.34 12.93
CA ARG B 515 36.31 -19.07 11.63
C ARG B 515 37.09 -17.75 11.68
N PRO B 516 38.15 -17.61 10.88
CA PRO B 516 38.90 -16.35 10.90
C PRO B 516 38.11 -15.23 10.22
N ARG B 517 38.22 -14.04 10.78
CA ARG B 517 37.51 -12.88 10.25
C ARG B 517 38.24 -11.60 10.62
N THR B 518 37.88 -10.52 9.93
CA THR B 518 38.20 -9.16 10.35
C THR B 518 36.95 -8.59 11.01
N ARG B 519 37.04 -8.31 12.31
CA ARG B 519 35.89 -7.96 13.13
C ARG B 519 35.95 -6.48 13.51
N VAL B 520 34.88 -5.76 13.19
CA VAL B 520 34.75 -4.33 13.48
C VAL B 520 33.53 -4.17 14.38
N ILE B 521 33.73 -3.62 15.57
CA ILE B 521 32.72 -3.57 16.61
C ILE B 521 32.48 -2.12 16.99
N VAL B 522 31.21 -1.72 17.03
CA VAL B 522 30.80 -0.41 17.53
C VAL B 522 30.09 -0.63 18.87
N ALA B 523 30.51 0.13 19.88
CA ALA B 523 30.02 -0.10 21.24
C ALA B 523 30.03 1.21 22.02
N HIS B 524 29.05 1.32 22.92
CA HIS B 524 29.02 2.34 23.96
C HIS B 524 29.25 1.77 25.35
N ARG B 525 29.72 0.53 25.45
CA ARG B 525 29.90 -0.16 26.73
C ARG B 525 31.24 -0.87 26.70
N LEU B 526 32.14 -0.47 27.61
CA LEU B 526 33.51 -0.98 27.59
C LEU B 526 33.57 -2.49 27.83
N ALA B 527 32.58 -3.04 28.54
CA ALA B 527 32.53 -4.48 28.77
C ALA B 527 32.33 -5.27 27.47
N SER B 528 31.85 -4.61 26.41
CA SER B 528 31.54 -5.28 25.16
C SER B 528 32.67 -5.21 24.13
N ILE B 529 33.79 -4.59 24.47
CA ILE B 529 34.95 -4.48 23.57
C ILE B 529 36.21 -4.96 24.29
N ARG B 530 36.05 -5.91 25.22
CA ARG B 530 37.20 -6.41 25.97
C ARG B 530 38.22 -7.08 25.05
N HIS B 531 37.76 -7.75 24.00
CA HIS B 531 38.63 -8.55 23.15
C HIS B 531 39.21 -7.79 21.97
N ALA B 532 38.78 -6.56 21.72
CA ALA B 532 39.23 -5.83 20.55
C ALA B 532 40.72 -5.53 20.63
N ASP B 533 41.44 -5.84 19.56
CA ASP B 533 42.89 -5.66 19.55
C ASP B 533 43.29 -4.20 19.38
N ARG B 534 42.50 -3.43 18.63
CA ARG B 534 42.80 -2.03 18.33
C ARG B 534 41.51 -1.23 18.39
N VAL B 535 41.65 0.07 18.62
CA VAL B 535 40.54 0.99 18.82
C VAL B 535 40.61 2.09 17.77
N LEU B 536 39.44 2.59 17.38
CA LEU B 536 39.31 3.77 16.52
C LEU B 536 38.34 4.73 17.21
N PHE B 537 38.86 5.75 17.87
CA PHE B 537 38.02 6.74 18.54
C PHE B 537 37.54 7.73 17.50
N VAL B 538 36.26 7.64 17.14
CA VAL B 538 35.67 8.46 16.08
C VAL B 538 34.87 9.57 16.74
N GLU B 539 35.38 10.80 16.68
CA GLU B 539 34.69 11.97 17.20
C GLU B 539 34.68 13.05 16.13
N ALA B 540 33.51 13.67 15.96
CA ALA B 540 33.31 14.73 14.97
C ALA B 540 33.58 14.24 13.55
N GLY B 541 33.34 12.96 13.29
CA GLY B 541 33.49 12.40 11.97
C GLY B 541 34.91 11.97 11.60
N ARG B 542 35.88 12.18 12.48
CA ARG B 542 37.28 11.86 12.20
C ARG B 542 37.83 11.00 13.33
N VAL B 543 38.72 10.08 12.97
CA VAL B 543 39.32 9.18 13.96
C VAL B 543 40.35 9.98 14.75
N VAL B 544 39.97 10.41 15.95
CA VAL B 544 40.84 11.29 16.74
C VAL B 544 42.07 10.54 17.22
N GLU B 545 41.89 9.31 17.71
CA GLU B 545 42.99 8.53 18.25
C GLU B 545 42.71 7.05 18.04
N ASP B 546 43.79 6.26 18.07
CA ASP B 546 43.69 4.82 17.87
C ASP B 546 44.75 4.13 18.72
N GLY B 547 44.48 2.87 19.04
CA GLY B 547 45.40 2.09 19.84
C GLY B 547 44.67 0.94 20.51
N ALA B 548 45.35 0.33 21.48
CA ALA B 548 44.75 -0.72 22.27
C ALA B 548 43.94 -0.11 23.42
N ILE B 549 43.05 -0.93 23.99
CA ILE B 549 42.18 -0.45 25.05
C ILE B 549 43.01 -0.07 26.27
N ASP B 550 43.89 -0.97 26.70
CA ASP B 550 44.76 -0.66 27.83
C ASP B 550 45.74 0.46 27.49
N GLU B 551 46.20 0.50 26.23
CA GLU B 551 47.12 1.55 25.81
C GLU B 551 46.48 2.92 25.90
N LEU B 552 45.25 3.06 25.36
CA LEU B 552 44.58 4.35 25.39
C LEU B 552 44.16 4.72 26.81
N LEU B 553 43.76 3.73 27.61
CA LEU B 553 43.41 4.01 29.00
C LEU B 553 44.61 4.55 29.77
N ALA B 554 45.79 3.96 29.55
CA ALA B 554 47.00 4.48 30.17
C ALA B 554 47.39 5.84 29.60
N ALA B 555 47.10 6.07 28.31
CA ALA B 555 47.47 7.34 27.68
C ALA B 555 46.74 8.51 28.33
N GLY B 556 45.55 8.28 28.88
CA GLY B 556 44.80 9.35 29.52
C GLY B 556 44.20 10.34 28.55
N GLY B 557 44.03 9.98 27.28
CA GLY B 557 43.42 10.85 26.30
C GLY B 557 41.92 10.92 26.45
N ARG B 558 41.24 11.06 25.31
CA ARG B 558 39.78 11.08 25.32
C ARG B 558 39.18 9.74 25.70
N PHE B 559 39.93 8.64 25.54
CA PHE B 559 39.40 7.33 25.87
C PHE B 559 39.08 7.22 27.36
N ALA B 560 40.01 7.66 28.22
CA ALA B 560 39.79 7.52 29.66
C ALA B 560 38.61 8.34 30.13
N GLN B 561 38.46 9.57 29.63
CA GLN B 561 37.32 10.40 30.03
C GLN B 561 36.02 9.87 29.44
N PHE B 562 36.07 9.34 28.22
CA PHE B 562 34.87 8.81 27.60
C PHE B 562 34.30 7.63 28.37
N TRP B 563 35.14 6.90 29.10
CA TRP B 563 34.73 5.76 29.91
C TRP B 563 34.86 6.06 31.41
N ALA B 564 34.59 7.31 31.79
CA ALA B 564 34.68 7.71 33.19
C ALA B 564 33.42 7.32 33.95
PB AOV C . 11.58 -6.87 27.70
O1B AOV C . 12.47 -8.07 27.46
O2B AOV C . 11.32 -6.14 26.40
O3B AOV C . 12.38 -5.85 28.70
PA AOV C . 8.95 -8.02 27.38
O1A AOV C . 9.05 -7.50 25.96
O2A AOV C . 7.59 -7.63 27.94
O3A AOV C . 10.15 -7.39 28.32
O5' AOV C . 9.07 -9.67 27.36
C5' AOV C . 8.00 -10.43 27.89
C4' AOV C . 7.82 -11.72 27.02
O4' AOV C . 6.77 -11.60 26.30
C3' AOV C . 9.01 -11.88 26.03
O3' AOV C . 9.42 -13.18 26.01
C2' AOV C . 8.43 -11.50 24.68
O2' AOV C . 9.10 -12.31 23.58
C1' AOV C . 7.18 -11.80 24.75
N9 AOV C . 6.39 -10.90 23.93
C8 AOV C . 6.65 -9.62 23.73
N7 AOV C . 5.72 -9.10 22.94
C5 AOV C . 4.86 -10.09 22.63
C6 AOV C . 3.69 -10.17 21.85
N6 AOV C . 3.18 -8.98 21.15
N1 AOV C . 3.04 -11.32 21.75
C2 AOV C . 3.47 -12.41 22.38
N3 AOV C . 4.57 -12.37 23.12
C4 AOV C . 5.27 -11.23 23.27
VG AOV C . 13.95 -5.05 27.53
O1G AOV C . 13.93 -5.77 25.55
O2G AOV C . 12.81 -3.29 27.74
O3G AOV C . 15.11 -6.26 28.80
O4G AOV C . 15.53 -3.71 27.88
MG MG D . 11.66 -3.74 26.00
ZN ZN E . -18.07 4.76 -9.59
PB AOV F . 25.54 7.14 14.65
O1B AOV F . 25.02 8.52 14.96
O2B AOV F . 24.42 6.21 14.26
O3B AOV F . 26.29 6.56 16.00
PA AOV F . 25.98 7.76 11.91
O1A AOV F . 24.48 7.57 11.90
O2A AOV F . 26.60 6.90 10.85
O3A AOV F . 26.57 7.27 13.37
O5' AOV F . 26.35 9.36 11.71
C5' AOV F . 26.02 10.02 10.50
C4' AOV F . 25.82 11.54 10.83
O4' AOV F . 25.03 12.07 9.98
C3' AOV F . 25.08 11.70 12.19
O3' AOV F . 25.37 12.92 12.73
C2' AOV F . 23.61 11.64 11.83
O2' AOV F . 22.83 12.61 12.68
C1' AOV F . 23.52 11.98 10.58
N9 AOV F . 22.76 10.99 9.85
C8 AOV F . 22.77 9.69 10.08
N7 AOV F . 21.95 9.08 9.22
C5 AOV F . 21.40 10.02 8.44
C6 AOV F . 20.49 10.00 7.37
N6 AOV F . 19.91 8.74 6.91
N1 AOV F . 20.15 11.14 6.79
C2 AOV F . 20.66 12.31 7.19
N3 AOV F . 21.53 12.35 8.19
C4 AOV F . 21.92 11.24 8.84
VG AOV F . 24.73 6.24 17.39
O1G AOV F . 22.93 5.66 16.45
O2G AOV F . 25.98 4.59 17.82
O3G AOV F . 24.87 8.32 17.61
O4G AOV F . 24.54 6.35 19.48
MG MG G . 24.54 3.96 14.93
#